data_3AR6
#
_entry.id   3AR6
#
_cell.length_a   71.619
_cell.length_b   71.619
_cell.length_c   588.192
_cell.angle_alpha   90.00
_cell.angle_beta   90.00
_cell.angle_gamma   90.00
#
_symmetry.space_group_name_H-M   'P 41 21 2'
#
loop_
_entity.id
_entity.type
_entity.pdbx_description
1 polymer 'Sarcoplasmic/endoplasmic reticulum calcium ATPase 1'
2 non-polymer 'SODIUM ION'
3 non-polymer 'MAGNESIUM ION'
4 non-polymer 'OCTANOIC ACID [3S-[3ALPHA, 3ABETA, 4ALPHA, 6BETA, 6ABETA, 7BETA, 8ALPHA(Z), 9BALPHA]]-6-(ACETYLOXY)-2,3,-3A,4,5,6,6A,7,8,9B-DECAHYDRO-3,3A-DIHYDROXY-3,6,9-TRIMETHYL-8-[(2-METHYL-1-OXO-2-BUTENYL)OX Y]-2-OXO-4-(1-OXOBUTOXY)-AZULENO[4,5-B]FURAN-7-YL ESTER'
5 non-polymer "2',3'-O-[(1R,6R)-2,4,6-trinitrocyclohexa-2,4-diene-1,1-diyl]adenosine 5'-(trihydrogen diphosphate)"
6 non-polymer PHOSPHATIDYLETHANOLAMINE
7 water water
#
_entity_poly.entity_id   1
_entity_poly.type   'polypeptide(L)'
_entity_poly.pdbx_seq_one_letter_code
;(ACE)MEAAHSKSTEECLAYFGVSETTGLTPDQVKRHLEKYGHNELPAEEGKSLWELVIEQFEDLLVRILLLAACISFVL
AWFEEGEETITAFVEPFVILLILIANAIVGVWQERNAENAIEALKEYEPEMGKVYRADRKSVQRIKARDIVPGDIVEVAV
GDKVPADIRILSIKSTTLRVDQSILTGESVSVIKHTEPVPDPRAVNQDKKNMLFSGTNIAAGKALGIVATTGVSTEIGKI
RDQMAATEQDKTPLQQKLDEFGEQLSKVISLICVAVWLINIGHFNDPVHGGSWIRGAIYYFKIAVALAVAAIPEGLPAVI
TTCLALGTRRMAKKNAIVRSLPSVETLGCTSVICSDKTGTLTTNQMSVCKMFIIDKVDGDFCSLNEFSITGSTYAPEGEV
LKNDKPIRSGQFDGLVELATICALCNDSSLDFNETKGVYEKVGEATETALTTLVEKMNVFNTEVRNLSKVERANACNSVI
RQLMKKEFTLEFSRDRKSMSVYCSPAKSSRAAVGNKMFVKGAPEGVIDRCNYVRVGTTRVPMTGPVKEKILSVIKEWGTG
RDTLRCLALATRDTPPKREEMVLDDSSRFMEYETDLTFVGVVGMLDPPRKEVMGSIQLCRDAGIRVIMITGDNKGTAIAI
CRRIGIFGENEEVADRAYTGREFDDLPLAEQREACRRACCFARVEPSHKSKIVEYLQSYDEITAMTGDGVNDAPALKKAE
IGIAMGSGTAVAKTASEMVLADDNFSTIVAAVEEGRAIYNNMKQFIRYLISSNVGEVVCIFLTAALGLPEALIPVQLLWV
NLVTDGLPATALGFNPPDLDIMDRPPRSPKEPLISGWLFFRYMAIGGYVGAATVGAAAWWFMYAEDGPGVTYHQLTHFMQ
CTEDHPHFEGLDCEIFEAPEPMTMALSVLVTIEMCNALNSLSENQSLMRMPPWVNIWLLGSICLSMSLHFLILYVDPLPM
IFKLKALDLTQWLMVLKISLPVIGLDEILKFIARNYLEG
;
_entity_poly.pdbx_strand_id   A
#
loop_
_chem_comp.id
_chem_comp.type
_chem_comp.name
_chem_comp.formula
12D non-polymer '2',3'-O-[(1R,6R)-2,4,6-trinitrocyclohexa-2,4-diene-1,1-diyl]adenosine 5'-(trihydrogen diphosphate)' 'C16 H16 N8 O16 P2'
ACE non-polymer 'ACETYL GROUP' 'C2 H4 O'
MG non-polymer 'MAGNESIUM ION' 'Mg 2'
NA non-polymer 'SODIUM ION' 'Na 1'
PTY non-polymer PHOSPHATIDYLETHANOLAMINE 'C40 H80 N O8 P'
TG1 non-polymer 'OCTANOIC ACID [3S-[3ALPHA, 3ABETA, 4ALPHA, 6BETA, 6ABETA, 7BETA, 8ALPHA(Z), 9BALPHA]]-6-(ACETYLOXY)-2,3,-3A,4,5,6,6A,7,8,9B-DECAHYDRO-3,3A-DIHYDROXY-3,6,9-TRIMETHYL-8-[(2-METHYL-1-OXO-2-BUTENYL)OX Y]-2-OXO-4-(1-OXOBUTOXY)-AZULENO[4,5-B]FURAN-7-YL ESTER' 'C34 H50 O12'
#
# COMPACT_ATOMS: atom_id res chain seq x y z
C ACE A 1 -0.41 -5.68 34.70
O ACE A 1 -1.32 -5.18 35.37
CH3 ACE A 1 -0.55 -7.06 34.14
N MET A 2 0.73 -5.05 34.42
CA MET A 2 1.02 -3.70 34.91
C MET A 2 1.48 -2.82 33.75
N GLU A 3 0.53 -2.27 33.01
CA GLU A 3 0.86 -1.45 31.85
C GLU A 3 1.56 -0.12 32.13
N ALA A 4 1.56 0.30 33.39
CA ALA A 4 2.21 1.56 33.74
C ALA A 4 3.57 1.37 34.43
N ALA A 5 4.17 0.18 34.28
CA ALA A 5 5.46 -0.14 34.90
C ALA A 5 6.58 0.89 34.72
N HIS A 6 6.75 1.42 33.50
CA HIS A 6 7.82 2.39 33.23
C HIS A 6 7.82 3.53 34.25
N SER A 7 6.65 3.95 34.71
CA SER A 7 6.59 5.05 35.68
C SER A 7 6.65 4.65 37.16
N LYS A 8 6.65 3.36 37.46
CA LYS A 8 6.73 2.92 38.85
C LYS A 8 8.19 2.58 39.22
N SER A 9 8.49 2.50 40.50
CA SER A 9 9.84 2.17 40.92
C SER A 9 9.95 0.68 40.78
N THR A 10 11.18 0.16 40.81
CA THR A 10 11.41 -1.27 40.73
C THR A 10 10.78 -1.93 41.95
N GLU A 11 10.86 -1.25 43.09
CA GLU A 11 10.32 -1.77 44.34
C GLU A 11 8.79 -1.85 44.23
N GLU A 12 8.18 -0.81 43.66
CA GLU A 12 6.73 -0.80 43.50
C GLU A 12 6.22 -1.87 42.55
N CYS A 13 7.06 -2.32 41.61
CA CYS A 13 6.62 -3.36 40.67
C CYS A 13 6.71 -4.70 41.33
N LEU A 14 7.79 -4.91 42.08
CA LEU A 14 7.98 -6.16 42.80
C LEU A 14 6.82 -6.26 43.80
N ALA A 15 6.51 -5.13 44.45
CA ALA A 15 5.43 -5.13 45.44
C ALA A 15 4.07 -5.43 44.79
N TYR A 16 3.74 -4.71 43.72
CA TYR A 16 2.48 -4.94 43.01
C TYR A 16 2.19 -6.42 42.79
N PHE A 17 3.19 -7.15 42.29
CA PHE A 17 3.00 -8.56 42.02
C PHE A 17 3.32 -9.46 43.20
N GLY A 18 3.84 -8.86 44.27
CA GLY A 18 4.20 -9.62 45.46
C GLY A 18 5.25 -10.67 45.12
N VAL A 19 6.27 -10.27 44.36
CA VAL A 19 7.31 -11.21 43.97
C VAL A 19 8.67 -10.81 44.53
N SER A 20 9.50 -11.83 44.76
CA SER A 20 10.84 -11.65 45.28
C SER A 20 11.82 -11.58 44.12
N GLU A 21 12.63 -10.53 44.08
CA GLU A 21 13.59 -10.38 43.01
C GLU A 21 14.62 -11.49 43.04
N THR A 22 15.00 -11.93 44.23
CA THR A 22 16.00 -12.98 44.37
C THR A 22 15.49 -14.38 44.13
N THR A 23 14.21 -14.63 44.37
CA THR A 23 13.69 -15.99 44.17
C THR A 23 12.78 -16.17 42.96
N GLY A 24 11.95 -15.19 42.68
CA GLY A 24 11.03 -15.31 41.56
C GLY A 24 9.69 -15.79 42.10
N LEU A 25 8.76 -16.09 41.19
CA LEU A 25 7.43 -16.52 41.61
C LEU A 25 7.37 -17.97 42.08
N THR A 26 6.47 -18.25 43.02
CA THR A 26 6.28 -19.60 43.53
C THR A 26 5.35 -20.33 42.56
N PRO A 27 5.31 -21.67 42.65
CA PRO A 27 4.42 -22.39 41.73
C PRO A 27 2.95 -22.01 41.84
N ASP A 28 2.52 -21.58 43.03
CA ASP A 28 1.14 -21.17 43.22
C ASP A 28 0.92 -19.80 42.55
N GLN A 29 1.94 -18.95 42.59
CA GLN A 29 1.82 -17.64 41.96
C GLN A 29 1.70 -17.86 40.46
N VAL A 30 2.48 -18.80 39.93
CA VAL A 30 2.44 -19.11 38.51
C VAL A 30 1.05 -19.56 38.09
N LYS A 31 0.54 -20.63 38.70
CA LYS A 31 -0.79 -21.13 38.35
C LYS A 31 -1.82 -20.00 38.40
N ARG A 32 -1.79 -19.24 39.49
CA ARG A 32 -2.72 -18.13 39.65
C ARG A 32 -2.51 -17.01 38.63
N HIS A 33 -1.27 -16.65 38.33
CA HIS A 33 -0.97 -15.60 37.36
C HIS A 33 -1.29 -16.03 35.93
N LEU A 34 -1.05 -17.31 35.64
CA LEU A 34 -1.30 -17.86 34.32
C LEU A 34 -2.81 -17.84 34.06
N GLU A 35 -3.58 -18.26 35.05
CA GLU A 35 -5.02 -18.28 34.93
C GLU A 35 -5.61 -16.87 34.81
N LYS A 36 -4.97 -15.89 35.44
CA LYS A 36 -5.46 -14.52 35.40
C LYS A 36 -5.09 -13.72 34.12
N TYR A 37 -3.84 -13.83 33.69
CA TYR A 37 -3.36 -13.11 32.52
C TYR A 37 -3.28 -13.97 31.25
N GLY A 38 -3.50 -15.27 31.38
CA GLY A 38 -3.45 -16.15 30.22
C GLY A 38 -2.02 -16.36 29.76
N HIS A 39 -1.85 -17.12 28.69
CA HIS A 39 -0.52 -17.39 28.17
C HIS A 39 0.06 -16.15 27.44
N ASN A 40 1.39 -16.10 27.32
CA ASN A 40 2.11 -14.99 26.71
C ASN A 40 2.26 -15.22 25.21
N GLU A 41 1.20 -14.92 24.47
CA GLU A 41 1.21 -15.12 23.04
C GLU A 41 0.02 -14.41 22.40
N LEU A 42 0.17 -14.04 21.13
CA LEU A 42 -0.89 -13.38 20.39
C LEU A 42 -1.88 -14.47 20.02
N PRO A 43 -3.18 -14.14 19.95
CA PRO A 43 -4.09 -15.22 19.60
C PRO A 43 -3.80 -15.82 18.21
N ALA A 44 -4.13 -17.10 18.05
CA ALA A 44 -3.90 -17.80 16.80
C ALA A 44 -4.98 -17.42 15.78
N GLU A 45 -4.61 -17.36 14.51
CA GLU A 45 -5.55 -17.01 13.45
C GLU A 45 -6.71 -17.99 13.42
N GLU A 46 -7.88 -17.51 13.00
CA GLU A 46 -9.05 -18.38 12.92
C GLU A 46 -8.84 -19.38 11.79
N GLY A 47 -8.72 -20.65 12.14
CA GLY A 47 -8.53 -21.65 11.11
C GLY A 47 -9.72 -21.70 10.18
N LYS A 48 -9.45 -21.76 8.87
CA LYS A 48 -10.49 -21.83 7.86
C LYS A 48 -10.30 -23.15 7.09
N SER A 49 -11.22 -24.08 7.28
CA SER A 49 -11.14 -25.38 6.62
C SER A 49 -11.33 -25.30 5.11
N LEU A 50 -10.74 -26.27 4.40
CA LEU A 50 -10.84 -26.32 2.95
C LEU A 50 -12.29 -26.38 2.50
N TRP A 51 -13.12 -27.06 3.28
CA TRP A 51 -14.54 -27.18 2.97
C TRP A 51 -15.21 -25.80 3.04
N GLU A 52 -14.87 -25.06 4.09
CA GLU A 52 -15.43 -23.72 4.30
C GLU A 52 -14.93 -22.80 3.20
N LEU A 53 -13.68 -23.00 2.79
CA LEU A 53 -13.08 -22.19 1.75
C LEU A 53 -13.68 -22.53 0.39
N VAL A 54 -14.16 -23.75 0.24
CA VAL A 54 -14.77 -24.19 -1.02
C VAL A 54 -16.22 -23.73 -1.07
N ILE A 55 -16.85 -23.67 0.09
CA ILE A 55 -18.24 -23.25 0.17
C ILE A 55 -18.39 -21.74 -0.05
N GLU A 56 -17.44 -20.98 0.47
CA GLU A 56 -17.49 -19.52 0.33
C GLU A 56 -17.37 -19.11 -1.14
N GLN A 57 -16.94 -20.04 -1.99
CA GLN A 57 -16.81 -19.75 -3.40
C GLN A 57 -18.19 -19.64 -4.04
N PHE A 58 -19.11 -20.49 -3.59
CA PHE A 58 -20.49 -20.49 -4.09
C PHE A 58 -21.30 -19.54 -3.23
N GLU A 59 -20.71 -18.40 -2.91
CA GLU A 59 -21.36 -17.42 -2.06
C GLU A 59 -21.89 -16.24 -2.85
N ASP A 60 -21.26 -15.96 -3.99
CA ASP A 60 -21.68 -14.86 -4.84
C ASP A 60 -23.07 -15.13 -5.39
N LEU A 61 -23.82 -14.07 -5.67
CA LEU A 61 -25.16 -14.23 -6.18
C LEU A 61 -25.20 -14.88 -7.56
N LEU A 62 -24.29 -14.46 -8.44
CA LEU A 62 -24.26 -14.99 -9.79
C LEU A 62 -23.78 -16.44 -9.91
N VAL A 63 -22.90 -16.86 -9.02
CA VAL A 63 -22.43 -18.24 -9.06
C VAL A 63 -23.57 -19.14 -8.62
N ARG A 64 -24.45 -18.62 -7.75
CA ARG A 64 -25.61 -19.38 -7.28
C ARG A 64 -26.58 -19.54 -8.44
N ILE A 65 -26.89 -18.43 -9.09
CA ILE A 65 -27.77 -18.45 -10.25
C ILE A 65 -27.25 -19.51 -11.22
N LEU A 66 -25.96 -19.45 -11.51
CA LEU A 66 -25.34 -20.40 -12.43
C LEU A 66 -25.45 -21.84 -11.92
N LEU A 67 -25.24 -22.04 -10.63
CA LEU A 67 -25.35 -23.38 -10.08
C LEU A 67 -26.79 -23.86 -10.23
N LEU A 68 -27.75 -22.97 -9.99
CA LEU A 68 -29.14 -23.34 -10.16
C LEU A 68 -29.33 -23.73 -11.61
N ALA A 69 -28.74 -22.95 -12.51
CA ALA A 69 -28.84 -23.21 -13.94
C ALA A 69 -28.25 -24.57 -14.27
N ALA A 70 -27.20 -24.95 -13.55
CA ALA A 70 -26.55 -26.22 -13.76
C ALA A 70 -27.48 -27.36 -13.39
N CYS A 71 -28.23 -27.17 -12.31
CA CYS A 71 -29.18 -28.19 -11.87
C CYS A 71 -30.28 -28.38 -12.90
N ILE A 72 -30.96 -27.29 -13.24
CA ILE A 72 -32.03 -27.34 -14.24
C ILE A 72 -31.49 -28.01 -15.50
N SER A 73 -30.29 -27.60 -15.90
CA SER A 73 -29.64 -28.14 -17.09
C SER A 73 -29.30 -29.62 -16.96
N PHE A 74 -29.10 -30.09 -15.74
CA PHE A 74 -28.77 -31.48 -15.50
C PHE A 74 -30.04 -32.33 -15.51
N VAL A 75 -31.07 -31.85 -14.83
CA VAL A 75 -32.34 -32.56 -14.77
C VAL A 75 -32.99 -32.55 -16.15
N LEU A 76 -32.83 -31.43 -16.86
CA LEU A 76 -33.41 -31.30 -18.19
C LEU A 76 -32.66 -32.19 -19.18
N ALA A 77 -31.41 -32.51 -18.86
CA ALA A 77 -30.59 -33.37 -19.71
C ALA A 77 -30.77 -34.83 -19.31
N TRP A 78 -31.58 -35.04 -18.28
CA TRP A 78 -31.85 -36.38 -17.77
C TRP A 78 -33.10 -36.95 -18.43
N PHE A 79 -34.02 -36.07 -18.82
CA PHE A 79 -35.25 -36.49 -19.47
C PHE A 79 -35.32 -35.89 -20.87
N GLU A 80 -34.18 -35.85 -21.54
CA GLU A 80 -34.11 -35.29 -22.89
C GLU A 80 -34.75 -36.21 -23.92
N GLU A 81 -35.32 -35.60 -24.96
CA GLU A 81 -35.98 -36.36 -26.03
C GLU A 81 -35.02 -36.68 -27.18
N GLY A 82 -34.83 -37.96 -27.45
CA GLY A 82 -33.93 -38.37 -28.51
C GLY A 82 -32.89 -39.35 -28.02
N GLU A 83 -31.62 -39.10 -28.36
CA GLU A 83 -30.53 -39.97 -27.94
C GLU A 83 -29.16 -39.31 -28.16
N GLU A 84 -29.15 -37.99 -28.32
CA GLU A 84 -27.91 -37.27 -28.54
C GLU A 84 -27.14 -37.12 -27.23
N THR A 85 -26.98 -38.23 -26.50
CA THR A 85 -26.29 -38.23 -25.23
C THR A 85 -24.83 -37.77 -25.37
N ILE A 86 -24.28 -37.95 -26.57
CA ILE A 86 -22.89 -37.56 -26.84
C ILE A 86 -22.77 -36.03 -26.76
N THR A 87 -23.88 -35.35 -26.98
CA THR A 87 -23.91 -33.88 -26.95
C THR A 87 -25.08 -33.41 -26.08
N ALA A 88 -25.36 -34.16 -25.02
CA ALA A 88 -26.46 -33.84 -24.11
C ALA A 88 -25.93 -33.32 -22.78
N PHE A 89 -25.43 -34.24 -21.96
CA PHE A 89 -24.89 -33.88 -20.65
C PHE A 89 -23.68 -32.98 -20.74
N VAL A 90 -23.33 -32.55 -21.95
CA VAL A 90 -22.20 -31.68 -22.15
C VAL A 90 -22.48 -30.33 -21.47
N GLU A 91 -23.64 -29.76 -21.78
CA GLU A 91 -24.06 -28.48 -21.24
C GLU A 91 -23.94 -28.39 -19.71
N PRO A 92 -24.68 -29.21 -18.96
CA PRO A 92 -24.59 -29.13 -17.51
C PRO A 92 -23.19 -29.39 -16.97
N PHE A 93 -22.37 -30.08 -17.74
CA PHE A 93 -21.00 -30.39 -17.33
C PHE A 93 -20.09 -29.16 -17.45
N VAL A 94 -20.22 -28.44 -18.56
CA VAL A 94 -19.41 -27.25 -18.79
C VAL A 94 -19.71 -26.19 -17.73
N ILE A 95 -20.99 -26.03 -17.42
CA ILE A 95 -21.41 -25.06 -16.41
C ILE A 95 -20.77 -25.45 -15.09
N LEU A 96 -21.01 -26.70 -14.69
CA LEU A 96 -20.48 -27.23 -13.45
C LEU A 96 -18.97 -27.14 -13.42
N LEU A 97 -18.32 -27.34 -14.56
CA LEU A 97 -16.87 -27.28 -14.62
C LEU A 97 -16.31 -25.88 -14.43
N ILE A 98 -17.03 -24.88 -14.93
CA ILE A 98 -16.59 -23.50 -14.77
C ILE A 98 -16.70 -23.12 -13.30
N LEU A 99 -17.74 -23.60 -12.64
CA LEU A 99 -17.93 -23.33 -11.22
C LEU A 99 -16.80 -23.99 -10.44
N ILE A 100 -16.34 -25.14 -10.94
CA ILE A 100 -15.25 -25.87 -10.29
C ILE A 100 -13.94 -25.11 -10.45
N ALA A 101 -13.61 -24.74 -11.68
CA ALA A 101 -12.39 -24.00 -11.96
C ALA A 101 -12.43 -22.72 -11.13
N ASN A 102 -13.59 -22.07 -11.14
CA ASN A 102 -13.79 -20.84 -10.40
C ASN A 102 -13.44 -21.04 -8.93
N ALA A 103 -13.94 -22.13 -8.36
CA ALA A 103 -13.68 -22.45 -6.96
C ALA A 103 -12.22 -22.78 -6.73
N ILE A 104 -11.62 -23.55 -7.63
CA ILE A 104 -10.23 -23.92 -7.49
C ILE A 104 -9.37 -22.67 -7.41
N VAL A 105 -9.64 -21.71 -8.28
CA VAL A 105 -8.89 -20.45 -8.29
C VAL A 105 -9.06 -19.72 -6.96
N GLY A 106 -10.31 -19.65 -6.49
CA GLY A 106 -10.57 -18.97 -5.23
C GLY A 106 -9.82 -19.59 -4.07
N VAL A 107 -9.84 -20.92 -4.00
CA VAL A 107 -9.17 -21.65 -2.93
C VAL A 107 -7.66 -21.51 -3.04
N TRP A 108 -7.16 -21.52 -4.28
CA TRP A 108 -5.74 -21.40 -4.54
C TRP A 108 -5.18 -20.12 -3.93
N GLN A 109 -5.80 -19.00 -4.29
CA GLN A 109 -5.39 -17.69 -3.82
C GLN A 109 -5.41 -17.57 -2.29
N GLU A 110 -6.47 -18.10 -1.68
CA GLU A 110 -6.60 -18.03 -0.23
C GLU A 110 -5.59 -18.93 0.48
N ARG A 111 -4.82 -19.68 -0.28
CA ARG A 111 -3.82 -20.57 0.32
C ARG A 111 -2.47 -19.88 0.41
N ASN A 112 -1.99 -19.35 -0.71
CA ASN A 112 -0.70 -18.67 -0.75
C ASN A 112 -0.76 -17.21 -0.29
N ALA A 113 -1.86 -16.87 0.38
CA ALA A 113 -2.04 -15.52 0.89
C ALA A 113 -1.55 -15.50 2.33
N GLU A 114 -0.94 -14.38 2.74
CA GLU A 114 -0.47 -14.27 4.11
C GLU A 114 -0.94 -12.98 4.76
N ASN A 115 -1.35 -13.07 6.02
CA ASN A 115 -1.85 -11.90 6.74
C ASN A 115 -0.80 -11.28 7.65
N ALA A 116 -0.83 -9.95 7.73
CA ALA A 116 0.11 -9.18 8.53
C ALA A 116 0.13 -9.61 10.00
N ILE A 117 -1.02 -9.97 10.54
CA ILE A 117 -1.08 -10.41 11.94
C ILE A 117 -0.18 -11.61 12.16
N GLU A 118 -0.43 -12.69 11.42
CA GLU A 118 0.38 -13.88 11.54
C GLU A 118 1.87 -13.59 11.35
N ALA A 119 2.19 -12.44 10.77
CA ALA A 119 3.58 -12.08 10.54
C ALA A 119 4.19 -11.48 11.80
N LEU A 120 3.34 -10.90 12.66
CA LEU A 120 3.78 -10.31 13.90
C LEU A 120 4.40 -11.39 14.76
N LYS A 121 3.92 -12.62 14.60
CA LYS A 121 4.42 -13.75 15.36
C LYS A 121 5.89 -14.05 15.11
N GLU A 122 6.47 -13.39 14.11
CA GLU A 122 7.88 -13.58 13.82
C GLU A 122 8.70 -12.93 14.94
N TYR A 123 8.05 -12.04 15.68
CA TYR A 123 8.72 -11.32 16.76
C TYR A 123 8.50 -11.88 18.16
N GLU A 124 8.00 -13.11 18.25
CA GLU A 124 7.83 -13.72 19.55
C GLU A 124 8.65 -15.00 19.61
N PRO A 125 9.71 -14.99 20.43
CA PRO A 125 10.63 -16.12 20.60
C PRO A 125 9.96 -17.34 21.19
N GLU A 126 10.57 -18.50 20.95
CA GLU A 126 10.05 -19.75 21.46
C GLU A 126 10.37 -19.85 22.96
N MET A 127 11.60 -19.47 23.31
CA MET A 127 12.07 -19.57 24.69
C MET A 127 12.37 -18.26 25.42
N GLY A 128 12.44 -18.37 26.75
CA GLY A 128 12.74 -17.24 27.62
C GLY A 128 13.40 -17.76 28.88
N LYS A 129 14.11 -16.88 29.58
CA LYS A 129 14.80 -17.26 30.82
C LYS A 129 14.26 -16.55 32.05
N VAL A 130 13.68 -17.31 32.98
CA VAL A 130 13.14 -16.73 34.21
C VAL A 130 13.77 -17.30 35.48
N TYR A 131 13.44 -16.68 36.60
CA TYR A 131 13.90 -17.09 37.91
C TYR A 131 12.64 -17.36 38.74
N ARG A 132 12.40 -18.61 39.09
CA ARG A 132 11.24 -18.97 39.89
C ARG A 132 11.66 -19.66 41.20
N ALA A 133 10.86 -19.45 42.25
CA ALA A 133 11.12 -20.02 43.57
C ALA A 133 11.40 -21.52 43.62
N ASP A 134 10.81 -22.28 42.70
CA ASP A 134 10.98 -23.73 42.67
C ASP A 134 12.39 -24.20 42.27
N ARG A 135 13.33 -23.26 42.20
CA ARG A 135 14.73 -23.55 41.84
C ARG A 135 15.58 -22.31 42.08
N LYS A 136 16.90 -22.48 42.06
CA LYS A 136 17.79 -21.34 42.29
C LYS A 136 18.51 -20.84 41.06
N SER A 137 18.73 -21.72 40.09
CA SER A 137 19.41 -21.33 38.87
C SER A 137 18.41 -20.92 37.78
N VAL A 138 18.80 -19.93 36.97
CA VAL A 138 17.92 -19.45 35.90
C VAL A 138 17.46 -20.59 35.01
N GLN A 139 16.15 -20.76 34.90
CA GLN A 139 15.60 -21.82 34.07
C GLN A 139 14.93 -21.25 32.83
N ARG A 140 15.24 -21.83 31.68
CA ARG A 140 14.68 -21.37 30.43
C ARG A 140 13.43 -22.14 30.04
N ILE A 141 12.29 -21.45 30.10
CA ILE A 141 11.01 -22.04 29.76
C ILE A 141 10.53 -21.46 28.42
N LYS A 142 9.38 -21.93 27.96
CA LYS A 142 8.81 -21.45 26.72
C LYS A 142 8.23 -20.06 26.94
N ALA A 143 8.61 -19.12 26.07
CA ALA A 143 8.12 -17.74 26.15
C ALA A 143 6.63 -17.76 26.42
N ARG A 144 5.96 -18.70 25.76
CA ARG A 144 4.53 -18.89 25.91
C ARG A 144 4.07 -19.02 27.37
N ASP A 145 4.94 -19.59 28.22
CA ASP A 145 4.58 -19.80 29.63
C ASP A 145 5.02 -18.71 30.58
N ILE A 146 5.69 -17.69 30.06
CA ILE A 146 6.11 -16.57 30.90
C ILE A 146 4.84 -15.81 31.28
N VAL A 147 4.86 -15.15 32.43
CA VAL A 147 3.68 -14.41 32.88
C VAL A 147 4.08 -13.11 33.55
N PRO A 148 3.10 -12.21 33.79
CA PRO A 148 3.37 -10.93 34.44
C PRO A 148 3.88 -11.24 35.86
N GLY A 149 4.83 -10.45 36.36
CA GLY A 149 5.36 -10.72 37.69
C GLY A 149 6.66 -11.55 37.64
N ASP A 150 6.80 -12.40 36.63
CA ASP A 150 8.01 -13.24 36.46
C ASP A 150 9.32 -12.46 36.46
N ILE A 151 10.28 -12.89 37.28
CA ILE A 151 11.57 -12.23 37.23
C ILE A 151 12.18 -12.90 36.02
N VAL A 152 12.65 -12.08 35.08
CA VAL A 152 13.21 -12.58 33.83
C VAL A 152 14.64 -12.08 33.59
N GLU A 153 15.40 -12.82 32.78
CA GLU A 153 16.79 -12.47 32.48
C GLU A 153 17.02 -12.41 30.97
N VAL A 154 17.71 -11.38 30.50
CA VAL A 154 18.01 -11.27 29.06
C VAL A 154 19.48 -10.88 28.85
N ALA A 155 20.06 -11.32 27.74
CA ALA A 155 21.44 -11.00 27.42
C ALA A 155 21.63 -10.78 25.92
N VAL A 156 22.76 -10.19 25.55
CA VAL A 156 23.10 -9.92 24.16
C VAL A 156 22.68 -11.04 23.23
N GLY A 157 22.00 -10.69 22.14
CA GLY A 157 21.55 -11.67 21.18
C GLY A 157 20.15 -12.17 21.44
N ASP A 158 19.64 -11.96 22.65
CA ASP A 158 18.30 -12.43 23.01
C ASP A 158 17.21 -11.59 22.38
N LYS A 159 16.06 -12.23 22.20
CA LYS A 159 14.90 -11.55 21.66
C LYS A 159 13.97 -11.42 22.86
N VAL A 160 13.64 -10.18 23.21
CA VAL A 160 12.77 -9.91 24.35
C VAL A 160 11.45 -10.67 24.25
N PRO A 161 11.16 -11.52 25.25
CA PRO A 161 9.96 -12.36 25.35
C PRO A 161 8.65 -11.70 25.79
N ALA A 162 8.72 -10.54 26.43
CA ALA A 162 7.49 -9.86 26.89
C ALA A 162 7.87 -8.44 27.21
N ASP A 163 6.90 -7.61 27.58
CA ASP A 163 7.24 -6.24 27.95
C ASP A 163 7.72 -6.34 29.39
N ILE A 164 8.96 -5.93 29.61
CA ILE A 164 9.60 -6.05 30.91
C ILE A 164 10.12 -4.76 31.49
N ARG A 165 9.94 -4.60 32.81
CA ARG A 165 10.42 -3.41 33.51
C ARG A 165 11.81 -3.85 33.96
N ILE A 166 12.85 -3.06 33.67
CA ILE A 166 14.20 -3.47 34.05
C ILE A 166 14.51 -3.29 35.53
N LEU A 167 14.81 -4.39 36.22
CA LEU A 167 15.14 -4.35 37.64
C LEU A 167 16.60 -3.95 37.88
N SER A 168 17.53 -4.69 37.28
CA SER A 168 18.95 -4.36 37.44
C SER A 168 19.76 -4.77 36.23
N ILE A 169 20.68 -3.90 35.84
CA ILE A 169 21.54 -4.16 34.69
C ILE A 169 22.84 -4.78 35.19
N LYS A 170 23.03 -6.07 34.93
CA LYS A 170 24.24 -6.77 35.37
C LYS A 170 25.50 -6.27 34.66
N SER A 171 25.38 -5.98 33.37
CA SER A 171 26.51 -5.50 32.57
C SER A 171 26.82 -4.05 32.88
N THR A 172 27.79 -3.48 32.17
CA THR A 172 28.18 -2.09 32.39
C THR A 172 27.14 -1.16 31.77
N THR A 173 26.49 -1.64 30.71
CA THR A 173 25.46 -0.87 30.02
C THR A 173 24.54 -1.83 29.26
N LEU A 174 23.28 -1.44 29.13
CA LEU A 174 22.31 -2.26 28.41
C LEU A 174 21.92 -1.55 27.12
N ARG A 175 22.18 -2.20 25.98
CA ARG A 175 21.88 -1.65 24.66
C ARG A 175 20.83 -2.50 24.00
N VAL A 176 19.81 -1.86 23.45
CA VAL A 176 18.73 -2.62 22.82
C VAL A 176 18.36 -2.12 21.41
N ASP A 177 18.15 -3.06 20.50
CA ASP A 177 17.73 -2.69 19.15
C ASP A 177 16.20 -2.80 19.09
N GLN A 178 15.52 -1.66 19.21
CA GLN A 178 14.06 -1.65 19.13
C GLN A 178 13.56 -0.93 17.85
N SER A 179 14.46 -0.82 16.87
CA SER A 179 14.16 -0.16 15.60
C SER A 179 12.76 -0.42 15.06
N ILE A 180 12.33 -1.69 15.11
CA ILE A 180 11.03 -2.08 14.59
C ILE A 180 9.82 -1.50 15.31
N LEU A 181 10.00 -1.01 16.53
CA LEU A 181 8.89 -0.45 17.28
C LEU A 181 8.87 1.06 17.38
N THR A 182 10.06 1.65 17.47
CA THR A 182 10.17 3.09 17.60
C THR A 182 10.92 3.71 16.44
N GLY A 183 11.30 2.89 15.47
CA GLY A 183 12.03 3.41 14.33
C GLY A 183 13.40 3.97 14.66
N GLU A 184 13.93 3.60 15.82
CA GLU A 184 15.26 4.06 16.24
C GLU A 184 16.28 3.10 15.62
N SER A 185 16.95 3.54 14.55
CA SER A 185 17.93 2.72 13.87
C SER A 185 19.03 2.22 14.82
N VAL A 186 19.68 3.16 15.50
CA VAL A 186 20.74 2.81 16.45
C VAL A 186 20.17 2.00 17.61
N SER A 187 21.01 1.18 18.22
CA SER A 187 20.56 0.41 19.37
C SER A 187 20.53 1.47 20.46
N VAL A 188 19.57 1.40 21.36
CA VAL A 188 19.48 2.41 22.41
C VAL A 188 19.90 1.92 23.80
N ILE A 189 20.33 2.86 24.64
CA ILE A 189 20.74 2.54 25.98
C ILE A 189 19.55 2.55 26.95
N LYS A 190 19.52 1.56 27.85
CA LYS A 190 18.46 1.43 28.83
C LYS A 190 18.94 1.70 30.26
N HIS A 191 18.03 2.15 31.12
CA HIS A 191 18.32 2.45 32.54
C HIS A 191 17.26 1.79 33.44
N THR A 192 17.40 1.93 34.75
CA THR A 192 16.47 1.30 35.66
C THR A 192 15.60 2.29 36.45
N GLU A 193 15.90 3.58 36.34
CA GLU A 193 15.13 4.62 37.05
C GLU A 193 13.75 4.82 36.43
N PRO A 194 12.75 5.21 37.25
CA PRO A 194 11.41 5.43 36.70
C PRO A 194 11.23 6.64 35.79
N VAL A 195 10.36 6.50 34.79
CA VAL A 195 10.04 7.60 33.89
C VAL A 195 8.72 8.13 34.45
N PRO A 196 8.74 9.33 35.06
CA PRO A 196 7.56 9.97 35.65
C PRO A 196 6.27 10.13 34.85
N ASP A 197 6.39 10.31 33.54
CA ASP A 197 5.21 10.49 32.70
C ASP A 197 4.40 9.21 32.45
N PRO A 198 3.19 9.11 33.02
CA PRO A 198 2.34 7.93 32.85
C PRO A 198 1.96 7.70 31.39
N ARG A 199 2.12 8.72 30.56
CA ARG A 199 1.78 8.60 29.15
C ARG A 199 2.98 8.64 28.19
N ALA A 200 4.18 8.47 28.74
CA ALA A 200 5.38 8.50 27.91
C ALA A 200 5.29 7.58 26.69
N VAL A 201 5.70 8.09 25.53
CA VAL A 201 5.69 7.27 24.32
C VAL A 201 6.87 6.30 24.47
N ASN A 202 6.78 5.14 23.84
CA ASN A 202 7.83 4.15 23.95
C ASN A 202 9.30 4.58 23.90
N GLN A 203 9.65 5.62 23.13
CA GLN A 203 11.03 6.07 23.03
C GLN A 203 11.54 6.67 24.32
N ASP A 204 10.62 7.14 25.16
CA ASP A 204 10.96 7.73 26.45
C ASP A 204 11.01 6.69 27.56
N LYS A 205 10.45 5.51 27.33
CA LYS A 205 10.44 4.44 28.33
C LYS A 205 11.82 3.77 28.38
N LYS A 206 12.79 4.52 28.88
CA LYS A 206 14.16 4.03 28.96
C LYS A 206 14.40 2.88 29.94
N ASN A 207 13.39 2.52 30.74
CA ASN A 207 13.53 1.40 31.68
C ASN A 207 12.71 0.18 31.27
N MET A 208 12.27 0.15 30.01
CA MET A 208 11.48 -0.97 29.53
C MET A 208 12.11 -1.69 28.36
N LEU A 209 11.86 -2.99 28.29
CA LEU A 209 12.30 -3.84 27.20
C LEU A 209 10.97 -4.27 26.58
N PHE A 210 10.80 -4.00 25.28
CA PHE A 210 9.58 -4.37 24.58
C PHE A 210 9.64 -5.76 23.96
N SER A 211 8.61 -6.56 24.20
CA SER A 211 8.57 -7.90 23.63
C SER A 211 8.77 -7.81 22.10
N GLY A 212 9.61 -8.67 21.54
CA GLY A 212 9.86 -8.63 20.12
C GLY A 212 11.16 -7.96 19.73
N THR A 213 11.71 -7.09 20.58
CA THR A 213 12.98 -6.42 20.28
C THR A 213 14.20 -7.29 20.63
N ASN A 214 15.41 -6.76 20.38
CA ASN A 214 16.63 -7.53 20.62
C ASN A 214 17.64 -6.81 21.45
N ILE A 215 18.31 -7.55 22.32
CA ILE A 215 19.35 -6.97 23.16
C ILE A 215 20.58 -6.84 22.28
N ALA A 216 21.11 -5.63 22.16
CA ALA A 216 22.28 -5.43 21.31
C ALA A 216 23.57 -5.68 22.09
N ALA A 217 23.53 -5.41 23.39
CA ALA A 217 24.69 -5.60 24.26
C ALA A 217 24.26 -5.62 25.73
N GLY A 218 25.07 -6.25 26.57
CA GLY A 218 24.78 -6.29 28.00
C GLY A 218 23.97 -7.47 28.52
N LYS A 219 23.70 -7.43 29.81
CA LYS A 219 22.91 -8.48 30.46
C LYS A 219 22.02 -7.72 31.45
N ALA A 220 20.78 -8.15 31.58
CA ALA A 220 19.89 -7.42 32.49
C ALA A 220 18.84 -8.31 33.10
N LEU A 221 18.39 -7.93 34.29
CA LEU A 221 17.34 -8.64 35.00
C LEU A 221 16.15 -7.68 35.12
N GLY A 222 14.94 -8.18 34.96
CA GLY A 222 13.78 -7.32 35.08
C GLY A 222 12.55 -8.10 35.45
N ILE A 223 11.42 -7.40 35.56
CA ILE A 223 10.16 -8.05 35.91
C ILE A 223 9.13 -7.84 34.79
N VAL A 224 8.41 -8.90 34.44
CA VAL A 224 7.43 -8.84 33.37
C VAL A 224 6.25 -7.97 33.80
N ALA A 225 5.98 -6.94 32.99
CA ALA A 225 4.86 -6.03 33.26
C ALA A 225 3.62 -6.51 32.53
N THR A 226 3.77 -6.93 31.28
CA THR A 226 2.63 -7.41 30.50
C THR A 226 3.01 -8.50 29.55
N THR A 227 2.00 -9.23 29.11
CA THR A 227 2.21 -10.30 28.16
C THR A 227 1.05 -10.31 27.16
N GLY A 228 1.09 -11.26 26.23
CA GLY A 228 0.02 -11.41 25.26
C GLY A 228 -0.41 -10.19 24.48
N VAL A 229 -1.71 -9.93 24.44
CA VAL A 229 -2.17 -8.79 23.67
C VAL A 229 -1.97 -7.47 24.39
N SER A 230 -1.49 -7.54 25.63
CA SER A 230 -1.27 -6.35 26.44
C SER A 230 0.05 -5.66 26.22
N THR A 231 0.98 -6.30 25.51
CA THR A 231 2.29 -5.71 25.24
C THR A 231 2.15 -4.63 24.15
N GLU A 232 3.25 -3.95 23.83
CA GLU A 232 3.16 -2.90 22.81
C GLU A 232 2.84 -3.51 21.46
N ILE A 233 3.49 -4.64 21.16
CA ILE A 233 3.27 -5.31 19.91
C ILE A 233 1.92 -6.00 19.90
N GLY A 234 1.45 -6.38 21.08
CA GLY A 234 0.15 -7.02 21.15
C GLY A 234 -0.95 -5.99 20.95
N LYS A 235 -0.69 -4.75 21.33
CA LYS A 235 -1.68 -3.68 21.16
C LYS A 235 -1.76 -3.29 19.68
N ILE A 236 -0.63 -3.43 18.98
CA ILE A 236 -0.63 -3.14 17.56
C ILE A 236 -1.43 -4.27 16.90
N ARG A 237 -1.29 -5.48 17.43
CA ARG A 237 -2.00 -6.64 16.91
C ARG A 237 -3.51 -6.50 17.03
N ASP A 238 -3.98 -5.98 18.17
CA ASP A 238 -5.43 -5.81 18.35
C ASP A 238 -5.97 -4.65 17.50
N GLN A 239 -5.17 -3.62 17.30
CA GLN A 239 -5.60 -2.50 16.47
C GLN A 239 -5.85 -2.99 15.04
N MET A 240 -4.88 -3.74 14.51
CA MET A 240 -4.97 -4.31 13.17
C MET A 240 -6.17 -5.23 13.03
N ALA A 241 -6.38 -6.10 14.02
CA ALA A 241 -7.50 -7.03 13.99
C ALA A 241 -8.83 -6.28 13.93
N ALA A 242 -8.91 -5.18 14.66
CA ALA A 242 -10.14 -4.40 14.71
C ALA A 242 -10.31 -3.47 13.51
N THR A 243 -9.37 -3.52 12.58
CA THR A 243 -9.49 -2.67 11.41
C THR A 243 -10.24 -3.35 10.29
N GLU A 244 -11.43 -2.85 9.98
CA GLU A 244 -12.25 -3.40 8.91
C GLU A 244 -12.00 -2.64 7.61
N GLN A 245 -11.57 -3.36 6.58
CA GLN A 245 -11.27 -2.76 5.29
C GLN A 245 -12.49 -2.90 4.38
N ASP A 246 -12.74 -1.88 3.58
CA ASP A 246 -13.89 -1.92 2.70
C ASP A 246 -13.51 -2.41 1.31
N LYS A 247 -14.52 -2.81 0.55
CA LYS A 247 -14.32 -3.27 -0.81
C LYS A 247 -13.93 -2.09 -1.67
N THR A 248 -13.17 -2.34 -2.71
CA THR A 248 -12.75 -1.27 -3.61
C THR A 248 -14.01 -0.80 -4.32
N PRO A 249 -13.98 0.39 -4.94
CA PRO A 249 -15.17 0.91 -5.63
C PRO A 249 -15.71 -0.05 -6.71
N LEU A 250 -14.81 -0.68 -7.47
CA LEU A 250 -15.21 -1.61 -8.53
C LEU A 250 -15.90 -2.85 -7.94
N GLN A 251 -15.34 -3.40 -6.86
CA GLN A 251 -15.93 -4.56 -6.22
C GLN A 251 -17.34 -4.20 -5.76
N GLN A 252 -17.49 -2.98 -5.28
CA GLN A 252 -18.80 -2.54 -4.82
C GLN A 252 -19.76 -2.41 -6.01
N LYS A 253 -19.31 -1.75 -7.08
CA LYS A 253 -20.14 -1.60 -8.27
C LYS A 253 -20.50 -2.96 -8.86
N LEU A 254 -19.52 -3.86 -8.89
CA LEU A 254 -19.75 -5.20 -9.42
C LEU A 254 -20.72 -5.98 -8.56
N ASP A 255 -20.74 -5.68 -7.26
CA ASP A 255 -21.67 -6.36 -6.34
C ASP A 255 -23.08 -5.82 -6.49
N GLU A 256 -23.21 -4.52 -6.77
CA GLU A 256 -24.53 -3.94 -6.95
C GLU A 256 -25.06 -4.39 -8.30
N PHE A 257 -24.12 -4.62 -9.23
CA PHE A 257 -24.48 -5.08 -10.57
C PHE A 257 -25.11 -6.46 -10.45
N GLY A 258 -24.48 -7.32 -9.66
CA GLY A 258 -24.97 -8.66 -9.47
C GLY A 258 -26.35 -8.71 -8.85
N GLU A 259 -26.57 -7.92 -7.81
CA GLU A 259 -27.87 -7.89 -7.15
C GLU A 259 -28.94 -7.52 -8.16
N GLN A 260 -28.73 -6.39 -8.84
CA GLN A 260 -29.68 -5.93 -9.84
C GLN A 260 -29.84 -6.90 -10.99
N LEU A 261 -28.76 -7.59 -11.36
CA LEU A 261 -28.83 -8.54 -12.46
C LEU A 261 -29.73 -9.73 -12.18
N SER A 262 -29.77 -10.21 -10.94
CA SER A 262 -30.61 -11.36 -10.60
C SER A 262 -32.04 -10.87 -10.45
N LYS A 263 -32.19 -9.58 -10.22
CA LYS A 263 -33.50 -8.95 -10.08
C LYS A 263 -34.11 -8.85 -11.48
N VAL A 264 -33.27 -8.58 -12.47
CA VAL A 264 -33.71 -8.46 -13.85
C VAL A 264 -34.02 -9.84 -14.40
N ILE A 265 -33.11 -10.79 -14.16
CA ILE A 265 -33.30 -12.16 -14.63
C ILE A 265 -34.66 -12.71 -14.20
N SER A 266 -34.92 -12.69 -12.89
CA SER A 266 -36.18 -13.19 -12.37
C SER A 266 -37.36 -12.42 -12.97
N LEU A 267 -37.17 -11.11 -13.20
CA LEU A 267 -38.21 -10.30 -13.79
C LEU A 267 -38.50 -10.78 -15.21
N ILE A 268 -37.45 -11.01 -15.99
CA ILE A 268 -37.62 -11.47 -17.37
C ILE A 268 -38.27 -12.84 -17.43
N CYS A 269 -38.12 -13.63 -16.37
CA CYS A 269 -38.75 -14.94 -16.31
C CYS A 269 -40.23 -14.75 -16.03
N VAL A 270 -40.55 -13.81 -15.14
CA VAL A 270 -41.94 -13.52 -14.83
C VAL A 270 -42.64 -13.00 -16.07
N ALA A 271 -41.90 -12.25 -16.88
CA ALA A 271 -42.43 -11.67 -18.11
C ALA A 271 -42.76 -12.77 -19.11
N VAL A 272 -41.79 -13.63 -19.43
CA VAL A 272 -42.03 -14.71 -20.38
C VAL A 272 -43.27 -15.51 -19.97
N TRP A 273 -43.59 -15.47 -18.68
CA TRP A 273 -44.75 -16.19 -18.17
C TRP A 273 -46.04 -15.42 -18.45
N LEU A 274 -46.02 -14.11 -18.18
CA LEU A 274 -47.19 -13.27 -18.40
C LEU A 274 -47.53 -13.08 -19.88
N ILE A 275 -46.63 -13.47 -20.77
CA ILE A 275 -46.85 -13.33 -22.20
C ILE A 275 -47.32 -14.65 -22.80
N ASN A 276 -47.45 -15.66 -21.95
CA ASN A 276 -47.91 -16.98 -22.36
C ASN A 276 -49.03 -17.41 -21.43
N ILE A 277 -49.73 -16.43 -20.84
CA ILE A 277 -50.83 -16.71 -19.92
C ILE A 277 -52.03 -17.22 -20.70
N GLY A 278 -51.99 -17.06 -22.02
CA GLY A 278 -53.09 -17.50 -22.85
C GLY A 278 -53.20 -19.02 -22.89
N HIS A 279 -52.09 -19.70 -22.62
CA HIS A 279 -52.08 -21.15 -22.62
C HIS A 279 -53.07 -21.72 -21.62
N PHE A 280 -53.48 -20.90 -20.65
CA PHE A 280 -54.44 -21.34 -19.65
C PHE A 280 -55.82 -21.46 -20.30
N ASN A 281 -55.91 -21.13 -21.59
CA ASN A 281 -57.17 -21.22 -22.31
C ASN A 281 -57.19 -22.44 -23.23
N ASP A 282 -56.01 -23.02 -23.49
CA ASP A 282 -55.93 -24.20 -24.35
C ASP A 282 -56.61 -25.38 -23.69
N PRO A 283 -57.10 -26.33 -24.49
CA PRO A 283 -57.76 -27.52 -23.95
C PRO A 283 -56.83 -28.30 -23.03
N VAL A 284 -57.37 -28.81 -21.93
CA VAL A 284 -56.58 -29.58 -20.98
C VAL A 284 -56.01 -30.85 -21.60
N HIS A 285 -56.86 -31.62 -22.26
CA HIS A 285 -56.43 -32.87 -22.89
C HIS A 285 -55.50 -32.64 -24.07
N GLY A 286 -54.50 -33.50 -24.20
CA GLY A 286 -53.55 -33.38 -25.28
C GLY A 286 -52.57 -32.25 -25.06
N GLY A 287 -52.06 -31.70 -26.16
CA GLY A 287 -51.12 -30.60 -26.06
C GLY A 287 -49.76 -31.03 -25.56
N SER A 288 -48.78 -30.14 -25.72
CA SER A 288 -47.41 -30.42 -25.28
C SER A 288 -47.20 -29.86 -23.88
N TRP A 289 -47.92 -30.39 -22.91
CA TRP A 289 -47.78 -29.94 -21.52
C TRP A 289 -46.36 -30.13 -21.06
N ILE A 290 -45.87 -31.37 -21.17
CA ILE A 290 -44.52 -31.68 -20.74
C ILE A 290 -43.48 -31.04 -21.65
N ARG A 291 -43.75 -31.00 -22.95
CA ARG A 291 -42.83 -30.42 -23.92
C ARG A 291 -42.81 -28.90 -23.84
N GLY A 292 -43.82 -28.32 -23.17
CA GLY A 292 -43.88 -26.88 -23.03
C GLY A 292 -43.07 -26.45 -21.83
N ALA A 293 -43.20 -27.21 -20.75
CA ALA A 293 -42.49 -26.92 -19.50
C ALA A 293 -41.00 -26.91 -19.78
N ILE A 294 -40.54 -27.94 -20.48
CA ILE A 294 -39.14 -28.06 -20.82
C ILE A 294 -38.70 -26.82 -21.60
N TYR A 295 -39.58 -26.35 -22.49
CA TYR A 295 -39.29 -25.17 -23.31
C TYR A 295 -39.03 -23.93 -22.46
N TYR A 296 -39.81 -23.75 -21.40
CA TYR A 296 -39.66 -22.61 -20.52
C TYR A 296 -38.36 -22.72 -19.73
N PHE A 297 -38.17 -23.84 -19.05
CA PHE A 297 -36.97 -24.07 -18.27
C PHE A 297 -35.74 -23.93 -19.16
N LYS A 298 -35.89 -24.27 -20.44
CA LYS A 298 -34.78 -24.18 -21.37
C LYS A 298 -34.35 -22.73 -21.61
N ILE A 299 -35.31 -21.80 -21.71
CA ILE A 299 -34.91 -20.40 -21.93
C ILE A 299 -34.45 -19.79 -20.62
N ALA A 300 -34.85 -20.40 -19.50
CA ALA A 300 -34.44 -19.89 -18.21
C ALA A 300 -32.93 -20.10 -18.10
N VAL A 301 -32.48 -21.33 -18.37
CA VAL A 301 -31.05 -21.64 -18.33
C VAL A 301 -30.29 -20.70 -19.27
N ALA A 302 -30.74 -20.63 -20.52
CA ALA A 302 -30.10 -19.77 -21.52
C ALA A 302 -30.11 -18.32 -21.04
N LEU A 303 -31.20 -17.93 -20.39
CA LEU A 303 -31.36 -16.57 -19.87
C LEU A 303 -30.29 -16.24 -18.82
N ALA A 304 -30.08 -17.16 -17.89
CA ALA A 304 -29.11 -16.94 -16.83
C ALA A 304 -27.69 -16.94 -17.40
N VAL A 305 -27.42 -17.85 -18.33
CA VAL A 305 -26.10 -17.95 -18.94
C VAL A 305 -25.82 -16.70 -19.78
N ALA A 306 -26.85 -16.19 -20.44
CA ALA A 306 -26.74 -15.03 -21.29
C ALA A 306 -26.54 -13.72 -20.51
N ALA A 307 -27.14 -13.64 -19.33
CA ALA A 307 -27.05 -12.44 -18.50
C ALA A 307 -25.69 -12.28 -17.82
N ILE A 308 -25.17 -13.39 -17.28
CA ILE A 308 -23.91 -13.39 -16.58
C ILE A 308 -22.67 -13.27 -17.46
N PRO A 309 -21.83 -12.25 -17.21
CA PRO A 309 -20.62 -12.14 -18.04
C PRO A 309 -19.62 -13.07 -17.38
N GLU A 310 -19.71 -14.35 -17.73
CA GLU A 310 -18.86 -15.38 -17.16
C GLU A 310 -17.36 -15.19 -17.31
N GLY A 311 -16.93 -14.47 -18.34
CA GLY A 311 -15.50 -14.28 -18.52
C GLY A 311 -14.93 -12.98 -18.01
N LEU A 312 -15.78 -12.10 -17.52
CA LEU A 312 -15.31 -10.81 -17.04
C LEU A 312 -14.27 -10.92 -15.92
N PRO A 313 -14.51 -11.78 -14.91
CA PRO A 313 -13.50 -11.88 -13.84
C PRO A 313 -12.11 -12.31 -14.32
N ALA A 314 -12.05 -13.25 -15.25
CA ALA A 314 -10.75 -13.67 -15.77
C ALA A 314 -10.11 -12.52 -16.57
N VAL A 315 -10.93 -11.71 -17.23
CA VAL A 315 -10.38 -10.59 -17.99
C VAL A 315 -9.82 -9.56 -17.03
N ILE A 316 -10.53 -9.34 -15.94
CA ILE A 316 -10.10 -8.37 -14.93
C ILE A 316 -8.77 -8.81 -14.29
N THR A 317 -8.71 -10.06 -13.87
CA THR A 317 -7.50 -10.60 -13.26
C THR A 317 -6.29 -10.50 -14.18
N THR A 318 -6.47 -10.95 -15.43
CA THR A 318 -5.40 -10.94 -16.42
C THR A 318 -4.89 -9.53 -16.73
N CYS A 319 -5.79 -8.57 -16.75
CA CYS A 319 -5.42 -7.19 -17.03
C CYS A 319 -4.69 -6.60 -15.81
N LEU A 320 -5.10 -7.03 -14.61
CA LEU A 320 -4.49 -6.55 -13.37
C LEU A 320 -3.08 -7.13 -13.26
N ALA A 321 -2.94 -8.41 -13.59
CA ALA A 321 -1.65 -9.08 -13.53
C ALA A 321 -0.64 -8.43 -14.48
N LEU A 322 -1.07 -8.23 -15.72
CA LEU A 322 -0.18 -7.63 -16.70
C LEU A 322 0.20 -6.22 -16.28
N GLY A 323 -0.77 -5.48 -15.74
CA GLY A 323 -0.49 -4.13 -15.30
C GLY A 323 0.43 -4.17 -14.09
N THR A 324 0.22 -5.15 -13.24
CA THR A 324 1.03 -5.33 -12.03
C THR A 324 2.50 -5.58 -12.39
N ARG A 325 2.74 -6.46 -13.36
CA ARG A 325 4.12 -6.74 -13.77
C ARG A 325 4.76 -5.49 -14.35
N ARG A 326 3.96 -4.70 -15.06
CA ARG A 326 4.46 -3.46 -15.67
C ARG A 326 4.83 -2.42 -14.63
N MET A 327 4.00 -2.29 -13.59
CA MET A 327 4.26 -1.32 -12.54
C MET A 327 5.55 -1.70 -11.83
N ALA A 328 5.78 -3.00 -11.65
CA ALA A 328 6.98 -3.49 -10.98
C ALA A 328 8.23 -2.88 -11.62
N LYS A 329 8.28 -2.90 -12.95
CA LYS A 329 9.39 -2.34 -13.69
C LYS A 329 9.60 -0.88 -13.30
N LYS A 330 8.52 -0.23 -12.87
CA LYS A 330 8.58 1.16 -12.43
C LYS A 330 8.78 1.26 -10.92
N ASN A 331 9.24 0.16 -10.34
CA ASN A 331 9.53 0.09 -8.92
C ASN A 331 8.34 0.07 -7.97
N ALA A 332 7.14 -0.11 -8.50
CA ALA A 332 5.94 -0.18 -7.65
C ALA A 332 5.46 -1.64 -7.61
N ILE A 333 5.61 -2.27 -6.45
CA ILE A 333 5.20 -3.66 -6.26
C ILE A 333 3.83 -3.74 -5.61
N VAL A 334 2.83 -4.10 -6.40
CA VAL A 334 1.45 -4.19 -5.91
C VAL A 334 1.24 -5.60 -5.37
N ARG A 335 0.73 -5.69 -4.15
CA ARG A 335 0.51 -6.98 -3.51
C ARG A 335 -0.92 -7.42 -3.68
N SER A 336 -1.81 -6.44 -3.75
CA SER A 336 -3.25 -6.67 -3.90
C SER A 336 -3.68 -6.14 -5.28
N LEU A 337 -4.05 -7.03 -6.20
CA LEU A 337 -4.48 -6.59 -7.52
C LEU A 337 -5.61 -5.56 -7.47
N PRO A 338 -6.63 -5.81 -6.64
CA PRO A 338 -7.76 -4.87 -6.54
C PRO A 338 -7.37 -3.45 -6.14
N SER A 339 -6.18 -3.30 -5.55
CA SER A 339 -5.73 -1.99 -5.09
C SER A 339 -5.42 -1.00 -6.20
N VAL A 340 -5.04 -1.51 -7.37
CA VAL A 340 -4.70 -0.67 -8.52
C VAL A 340 -5.74 0.42 -8.80
N GLU A 341 -7.01 0.05 -8.77
CA GLU A 341 -8.06 1.03 -9.01
C GLU A 341 -8.06 2.08 -7.92
N THR A 342 -7.95 1.62 -6.69
CA THR A 342 -7.95 2.52 -5.54
C THR A 342 -6.81 3.52 -5.64
N LEU A 343 -5.67 3.04 -6.12
CA LEU A 343 -4.49 3.88 -6.27
C LEU A 343 -4.79 4.98 -7.29
N GLY A 344 -5.51 4.62 -8.36
CA GLY A 344 -5.87 5.60 -9.36
C GLY A 344 -6.83 6.63 -8.78
N CYS A 345 -7.58 6.25 -7.75
CA CYS A 345 -8.52 7.19 -7.11
C CYS A 345 -7.93 7.99 -5.98
N THR A 346 -6.64 7.79 -5.69
CA THR A 346 -5.99 8.48 -4.59
C THR A 346 -6.23 9.98 -4.64
N SER A 347 -6.64 10.55 -3.52
CA SER A 347 -6.86 11.99 -3.46
C SER A 347 -5.88 12.62 -2.45
N VAL A 348 -5.37 11.82 -1.52
CA VAL A 348 -4.41 12.31 -0.54
C VAL A 348 -3.26 11.32 -0.34
N ILE A 349 -2.03 11.80 -0.46
CA ILE A 349 -0.85 10.95 -0.22
C ILE A 349 -0.09 11.48 1.01
N CYS A 350 -0.08 10.68 2.08
CA CYS A 350 0.63 11.03 3.32
C CYS A 350 2.02 10.36 3.20
N SER A 351 3.08 11.16 3.21
CA SER A 351 4.42 10.61 3.03
C SER A 351 5.46 10.96 4.09
N ASP A 352 6.15 9.94 4.59
CA ASP A 352 7.22 10.21 5.56
C ASP A 352 8.26 10.93 4.70
N LYS A 353 9.02 11.83 5.30
CA LYS A 353 10.02 12.57 4.55
C LYS A 353 11.34 11.86 4.27
N THR A 354 12.01 11.44 5.33
CA THR A 354 13.34 10.82 5.27
C THR A 354 13.53 9.54 4.46
N GLY A 355 14.26 9.67 3.35
CA GLY A 355 14.52 8.52 2.50
C GLY A 355 13.49 8.29 1.43
N THR A 356 12.36 9.00 1.53
CA THR A 356 11.27 8.87 0.56
C THR A 356 11.14 10.17 -0.24
N LEU A 357 11.10 11.29 0.46
CA LEU A 357 11.04 12.60 -0.16
C LEU A 357 12.48 13.09 -0.28
N THR A 358 13.34 12.67 0.66
CA THR A 358 14.75 13.02 0.70
C THR A 358 15.57 11.76 0.42
N THR A 359 16.88 11.90 0.29
CA THR A 359 17.75 10.75 0.03
C THR A 359 18.31 10.08 1.29
N ASN A 360 18.12 10.72 2.44
CA ASN A 360 18.66 10.17 3.70
C ASN A 360 20.19 10.21 3.65
N GLN A 361 20.74 11.06 2.78
CA GLN A 361 22.18 11.23 2.65
C GLN A 361 22.45 12.60 3.27
N MET A 362 22.94 12.60 4.51
CA MET A 362 23.21 13.84 5.22
C MET A 362 24.65 14.32 5.05
N SER A 363 24.81 15.64 4.87
CA SER A 363 26.15 16.22 4.75
C SER A 363 26.07 17.62 5.33
N VAL A 364 27.13 18.04 6.02
CA VAL A 364 27.19 19.38 6.60
C VAL A 364 27.53 20.33 5.46
N CYS A 365 26.81 21.44 5.36
CA CYS A 365 26.98 22.45 4.29
C CYS A 365 27.52 23.77 4.76
N LYS A 366 27.27 24.06 6.02
CA LYS A 366 27.71 25.30 6.61
C LYS A 366 28.07 25.03 8.04
N MET A 367 28.75 25.99 8.64
CA MET A 367 29.17 25.89 10.04
C MET A 367 29.75 27.24 10.40
N PHE A 368 29.65 27.62 11.66
CA PHE A 368 30.24 28.88 12.08
C PHE A 368 30.72 28.84 13.51
N ILE A 369 31.58 29.80 13.87
CA ILE A 369 32.17 29.92 15.20
C ILE A 369 32.21 31.40 15.47
N ILE A 370 32.42 31.79 16.72
CA ILE A 370 32.48 33.21 17.05
C ILE A 370 33.85 33.76 16.67
N ASP A 371 33.84 34.91 15.99
CA ASP A 371 35.05 35.56 15.53
C ASP A 371 35.59 36.48 16.61
N LYS A 372 34.70 37.29 17.18
CA LYS A 372 35.11 38.19 18.24
C LYS A 372 33.93 38.85 18.93
N VAL A 373 34.15 39.28 20.18
CA VAL A 373 33.11 39.93 20.96
C VAL A 373 33.70 41.16 21.62
N ASP A 374 33.06 42.29 21.42
CA ASP A 374 33.54 43.52 22.01
C ASP A 374 32.33 44.39 22.34
N GLY A 375 31.82 44.26 23.57
CA GLY A 375 30.66 45.04 23.97
C GLY A 375 29.45 44.70 23.12
N ASP A 376 28.86 45.70 22.47
CA ASP A 376 27.69 45.46 21.63
C ASP A 376 28.05 44.90 20.25
N PHE A 377 29.35 44.85 19.97
CA PHE A 377 29.80 44.36 18.68
C PHE A 377 30.17 42.88 18.68
N CYS A 378 29.78 42.20 17.61
CA CYS A 378 30.05 40.79 17.49
C CYS A 378 30.19 40.38 16.04
N SER A 379 31.08 39.44 15.77
CA SER A 379 31.27 38.95 14.42
C SER A 379 31.46 37.44 14.45
N LEU A 380 30.95 36.77 13.41
CA LEU A 380 31.06 35.33 13.29
C LEU A 380 32.02 34.96 12.19
N ASN A 381 32.41 33.70 12.16
CA ASN A 381 33.30 33.19 11.14
C ASN A 381 32.61 32.01 10.45
N GLU A 382 31.70 32.32 9.51
CA GLU A 382 30.94 31.31 8.76
C GLU A 382 31.73 30.64 7.65
N PHE A 383 31.51 29.35 7.46
CA PHE A 383 32.19 28.59 6.40
C PHE A 383 31.16 27.73 5.65
N SER A 384 31.58 27.22 4.50
CA SER A 384 30.77 26.34 3.67
C SER A 384 31.63 25.12 3.46
N ILE A 385 31.01 23.98 3.17
CA ILE A 385 31.75 22.74 2.93
C ILE A 385 31.20 22.09 1.65
N THR A 386 32.07 21.52 0.82
CA THR A 386 31.61 20.89 -0.42
C THR A 386 31.58 19.37 -0.33
N GLY A 387 30.70 18.76 -1.12
CA GLY A 387 30.57 17.31 -1.12
C GLY A 387 29.26 16.90 -0.47
N SER A 388 28.42 16.20 -1.23
CA SER A 388 27.13 15.75 -0.75
C SER A 388 27.13 14.28 -0.39
N THR A 389 28.32 13.68 -0.34
CA THR A 389 28.42 12.27 0.01
C THR A 389 29.09 12.12 1.37
N TYR A 390 28.94 10.94 1.98
CA TYR A 390 29.55 10.67 3.27
C TYR A 390 31.05 10.57 3.07
N ALA A 391 31.45 10.53 1.80
CA ALA A 391 32.86 10.43 1.42
C ALA A 391 33.63 11.66 1.87
N PRO A 392 34.87 11.46 2.34
CA PRO A 392 35.76 12.52 2.82
C PRO A 392 36.25 13.40 1.67
N GLU A 393 35.48 13.43 0.60
CA GLU A 393 35.83 14.22 -0.58
C GLU A 393 35.12 15.56 -0.51
N GLY A 394 35.88 16.63 -0.31
CA GLY A 394 35.28 17.95 -0.23
C GLY A 394 36.22 18.94 0.42
N GLU A 395 35.79 20.18 0.54
CA GLU A 395 36.64 21.19 1.15
C GLU A 395 35.89 22.36 1.77
N VAL A 396 36.48 22.92 2.82
CA VAL A 396 35.91 24.06 3.53
C VAL A 396 36.26 25.33 2.75
N LEU A 397 35.45 26.37 2.90
CA LEU A 397 35.69 27.63 2.20
C LEU A 397 35.09 28.80 2.97
N LYS A 398 35.64 29.99 2.75
CA LYS A 398 35.09 31.19 3.39
C LYS A 398 35.01 32.19 2.24
N ASN A 399 33.83 32.78 2.07
CA ASN A 399 33.61 33.72 0.98
C ASN A 399 33.91 33.01 -0.33
N ASP A 400 33.63 31.71 -0.34
CA ASP A 400 33.83 30.84 -1.51
C ASP A 400 35.28 30.48 -1.81
N LYS A 401 36.18 30.84 -0.91
CA LYS A 401 37.59 30.54 -1.09
C LYS A 401 38.00 29.43 -0.13
N PRO A 402 38.51 28.30 -0.67
CA PRO A 402 38.94 27.19 0.17
C PRO A 402 40.06 27.60 1.11
N ILE A 403 39.86 27.39 2.41
CA ILE A 403 40.86 27.74 3.42
C ILE A 403 41.29 26.51 4.18
N ARG A 404 42.23 26.71 5.11
CA ARG A 404 42.73 25.62 5.94
C ARG A 404 42.03 25.70 7.29
N SER A 405 41.22 24.69 7.59
CA SER A 405 40.49 24.66 8.86
C SER A 405 41.41 24.79 10.05
N GLY A 406 42.46 23.98 10.08
CA GLY A 406 43.41 24.01 11.18
C GLY A 406 43.93 25.39 11.53
N GLN A 407 43.80 26.33 10.61
CA GLN A 407 44.26 27.70 10.81
C GLN A 407 43.34 28.52 11.70
N PHE A 408 42.27 27.89 12.17
CA PHE A 408 41.30 28.55 13.06
C PHE A 408 41.15 27.71 14.32
N ASP A 409 41.58 28.25 15.46
CA ASP A 409 41.50 27.51 16.70
C ASP A 409 40.07 27.04 16.95
N GLY A 410 39.12 27.95 16.76
CA GLY A 410 37.72 27.61 16.94
C GLY A 410 37.35 26.36 16.18
N LEU A 411 37.81 26.25 14.93
CA LEU A 411 37.48 25.07 14.13
C LEU A 411 38.12 23.80 14.65
N VAL A 412 39.28 23.91 15.28
CA VAL A 412 39.95 22.73 15.82
C VAL A 412 39.08 22.12 16.92
N GLU A 413 38.55 22.96 17.79
CA GLU A 413 37.68 22.47 18.85
C GLU A 413 36.36 21.97 18.23
N LEU A 414 35.87 22.70 17.23
CA LEU A 414 34.63 22.35 16.54
C LEU A 414 34.76 20.91 16.07
N ALA A 415 35.89 20.60 15.43
CA ALA A 415 36.12 19.25 14.92
C ALA A 415 36.30 18.24 16.04
N THR A 416 36.90 18.68 17.13
CA THR A 416 37.12 17.79 18.27
C THR A 416 35.76 17.28 18.72
N ILE A 417 34.88 18.23 19.06
CA ILE A 417 33.54 17.87 19.50
C ILE A 417 32.87 16.93 18.51
N CYS A 418 32.81 17.31 17.23
CA CYS A 418 32.18 16.48 16.21
C CYS A 418 32.82 15.11 16.17
N ALA A 419 34.12 15.06 16.42
CA ALA A 419 34.85 13.80 16.41
C ALA A 419 34.54 12.90 17.61
N LEU A 420 34.62 13.47 18.81
CA LEU A 420 34.38 12.69 20.04
C LEU A 420 32.92 12.47 20.44
N CYS A 421 32.14 13.54 20.41
CA CYS A 421 30.72 13.47 20.77
C CYS A 421 30.00 12.84 19.57
N ASN A 422 30.34 11.60 19.26
CA ASN A 422 29.78 10.91 18.10
C ASN A 422 29.80 9.38 18.28
N ASP A 423 28.67 8.75 18.00
CA ASP A 423 28.56 7.29 18.12
C ASP A 423 28.60 6.57 16.76
N SER A 424 28.94 7.29 15.70
CA SER A 424 28.99 6.69 14.37
C SER A 424 30.35 6.79 13.70
N SER A 425 30.49 6.19 12.53
CA SER A 425 31.75 6.21 11.78
C SER A 425 31.54 6.04 10.28
N LEU A 426 32.65 5.86 9.55
CA LEU A 426 32.60 5.70 8.10
C LEU A 426 33.19 4.37 7.64
N ASP A 427 32.64 3.84 6.55
CA ASP A 427 33.11 2.58 5.98
C ASP A 427 33.07 2.58 4.46
N PHE A 428 34.12 2.05 3.85
CA PHE A 428 34.23 1.97 2.40
C PHE A 428 33.69 0.64 1.87
N ASN A 429 32.41 0.60 1.54
CA ASN A 429 31.78 -0.61 1.02
C ASN A 429 32.36 -0.97 -0.35
N GLU A 430 33.02 -2.12 -0.42
CA GLU A 430 33.64 -2.57 -1.68
C GLU A 430 32.60 -3.07 -2.68
N THR A 431 31.51 -3.63 -2.18
CA THR A 431 30.45 -4.15 -3.03
C THR A 431 29.85 -3.05 -3.91
N LYS A 432 29.83 -1.82 -3.40
CA LYS A 432 29.31 -0.68 -4.15
C LYS A 432 30.42 0.23 -4.65
N GLY A 433 31.61 0.08 -4.07
CA GLY A 433 32.73 0.91 -4.47
C GLY A 433 32.71 2.31 -3.88
N VAL A 434 31.69 2.61 -3.08
CA VAL A 434 31.55 3.92 -2.45
C VAL A 434 31.64 3.85 -0.93
N TYR A 435 30.83 4.65 -0.24
CA TYR A 435 30.81 4.68 1.23
C TYR A 435 29.42 4.49 1.81
N GLU A 436 29.37 3.93 3.02
CA GLU A 436 28.12 3.71 3.71
C GLU A 436 28.20 4.23 5.14
N LYS A 437 27.13 4.88 5.60
CA LYS A 437 27.10 5.42 6.95
C LYS A 437 27.07 4.29 7.95
N VAL A 438 27.95 4.37 8.95
CA VAL A 438 28.02 3.36 10.00
C VAL A 438 27.42 3.99 11.26
N GLY A 439 26.11 4.10 11.29
CA GLY A 439 25.45 4.69 12.44
C GLY A 439 24.36 5.64 11.99
N GLU A 440 24.05 6.63 12.82
CA GLU A 440 23.02 7.63 12.49
C GLU A 440 23.50 8.50 11.32
N ALA A 441 22.57 8.87 10.45
CA ALA A 441 22.89 9.70 9.29
C ALA A 441 23.43 11.06 9.72
N THR A 442 22.88 11.62 10.79
CA THR A 442 23.31 12.92 11.28
C THR A 442 24.71 12.87 11.87
N GLU A 443 25.01 11.86 12.67
CA GLU A 443 26.33 11.75 13.27
C GLU A 443 27.40 11.49 12.23
N THR A 444 27.11 10.59 11.29
CA THR A 444 28.08 10.25 10.26
C THR A 444 28.48 11.49 9.46
N ALA A 445 27.52 12.40 9.27
CA ALA A 445 27.77 13.64 8.55
C ALA A 445 28.88 14.39 9.28
N LEU A 446 28.84 14.33 10.60
CA LEU A 446 29.86 14.98 11.43
C LEU A 446 31.21 14.30 11.17
N THR A 447 31.20 12.97 11.18
CA THR A 447 32.39 12.18 10.92
C THR A 447 33.03 12.65 9.61
N THR A 448 32.20 12.73 8.56
CA THR A 448 32.66 13.15 7.24
C THR A 448 33.24 14.55 7.32
N LEU A 449 32.53 15.46 7.99
CA LEU A 449 33.00 16.83 8.16
C LEU A 449 34.40 16.88 8.77
N VAL A 450 34.62 16.08 9.81
CA VAL A 450 35.90 16.03 10.49
C VAL A 450 37.00 15.68 9.51
N GLU A 451 36.69 14.78 8.58
CA GLU A 451 37.67 14.37 7.59
C GLU A 451 37.97 15.51 6.61
N LYS A 452 36.94 16.18 6.10
CA LYS A 452 37.13 17.27 5.15
C LYS A 452 37.85 18.46 5.79
N MET A 453 37.59 18.69 7.06
CA MET A 453 38.20 19.81 7.79
C MET A 453 39.70 19.62 8.02
N ASN A 454 40.07 18.40 8.41
CA ASN A 454 41.47 18.04 8.69
C ASN A 454 42.19 19.11 9.51
N VAL A 455 41.71 19.33 10.73
CA VAL A 455 42.28 20.33 11.63
C VAL A 455 43.78 20.18 11.92
N PHE A 456 44.29 18.95 11.80
CA PHE A 456 45.70 18.69 12.06
C PHE A 456 46.42 18.15 10.82
N ASN A 457 46.39 18.94 9.75
CA ASN A 457 47.01 18.60 8.46
C ASN A 457 47.73 17.25 8.43
N THR A 458 46.96 16.18 8.24
CA THR A 458 47.52 14.83 8.19
C THR A 458 47.60 14.33 6.74
N GLU A 459 48.46 13.36 6.52
CA GLU A 459 48.63 12.77 5.18
C GLU A 459 47.64 11.64 4.95
N VAL A 460 46.46 11.99 4.46
CA VAL A 460 45.43 11.01 4.20
C VAL A 460 45.60 10.42 2.79
N ARG A 461 46.17 11.21 1.89
CA ARG A 461 46.38 10.75 0.52
C ARG A 461 47.37 9.60 0.45
N ASN A 462 47.98 9.27 1.58
CA ASN A 462 48.95 8.18 1.63
C ASN A 462 48.26 6.88 2.03
N LEU A 463 46.95 6.94 2.20
CA LEU A 463 46.16 5.78 2.58
C LEU A 463 45.15 5.43 1.49
N SER A 464 44.42 4.33 1.69
CA SER A 464 43.43 3.90 0.71
C SER A 464 42.05 4.46 1.03
N LYS A 465 41.04 3.99 0.30
CA LYS A 465 39.67 4.44 0.50
C LYS A 465 39.02 3.83 1.74
N VAL A 466 39.71 2.86 2.35
CA VAL A 466 39.19 2.21 3.54
C VAL A 466 39.98 2.67 4.76
N GLU A 467 41.18 3.18 4.55
CA GLU A 467 42.01 3.66 5.64
C GLU A 467 41.72 5.10 6.01
N ARG A 468 41.69 5.99 5.01
CA ARG A 468 41.44 7.39 5.27
C ARG A 468 39.96 7.66 5.59
N ALA A 469 39.19 6.59 5.75
CA ALA A 469 37.78 6.71 6.07
C ALA A 469 37.60 7.20 7.50
N ASN A 470 38.67 7.11 8.28
CA ASN A 470 38.66 7.55 9.67
C ASN A 470 39.99 8.22 10.04
N ALA A 471 40.68 8.73 9.03
CA ALA A 471 41.98 9.38 9.23
C ALA A 471 41.98 10.51 10.25
N CYS A 472 41.45 11.66 9.87
CA CYS A 472 41.41 12.84 10.75
C CYS A 472 40.60 12.64 12.03
N ASN A 473 39.78 11.59 12.06
CA ASN A 473 38.98 11.28 13.23
C ASN A 473 39.83 10.58 14.27
N SER A 474 40.51 9.52 13.83
CA SER A 474 41.38 8.73 14.71
C SER A 474 42.41 9.63 15.36
N VAL A 475 42.79 10.69 14.65
CA VAL A 475 43.76 11.65 15.16
C VAL A 475 43.22 12.32 16.40
N ILE A 476 41.99 12.81 16.33
CA ILE A 476 41.39 13.50 17.45
C ILE A 476 41.17 12.58 18.65
N ARG A 477 40.88 11.31 18.38
CA ARG A 477 40.67 10.34 19.43
C ARG A 477 41.91 10.17 20.31
N GLN A 478 43.04 9.87 19.67
CA GLN A 478 44.29 9.67 20.40
C GLN A 478 44.68 10.83 21.30
N LEU A 479 43.93 11.93 21.24
CA LEU A 479 44.23 13.09 22.07
C LEU A 479 43.42 13.11 23.34
N MET A 480 42.11 12.97 23.21
CA MET A 480 41.22 12.96 24.35
C MET A 480 40.65 11.57 24.57
N LYS A 481 40.64 11.14 25.82
CA LYS A 481 40.12 9.83 26.16
C LYS A 481 38.66 9.96 26.55
N LYS A 482 37.79 9.24 25.85
CA LYS A 482 36.37 9.27 26.15
C LYS A 482 36.08 8.35 27.33
N GLU A 483 35.66 8.93 28.45
CA GLU A 483 35.37 8.15 29.65
C GLU A 483 33.99 7.51 29.51
N PHE A 484 32.96 8.35 29.44
CA PHE A 484 31.59 7.88 29.30
C PHE A 484 30.76 8.86 28.48
N THR A 485 29.63 8.40 27.93
CA THR A 485 28.80 9.30 27.16
C THR A 485 27.37 9.37 27.70
N LEU A 486 26.87 10.60 27.85
CA LEU A 486 25.51 10.83 28.32
C LEU A 486 24.61 10.89 27.09
N GLU A 487 24.02 9.76 26.72
CA GLU A 487 23.15 9.66 25.55
C GLU A 487 22.09 10.74 25.38
N PHE A 488 21.72 10.93 24.12
CA PHE A 488 20.70 11.90 23.72
C PHE A 488 19.33 11.60 24.32
N SER A 489 18.62 12.65 24.70
CA SER A 489 17.31 12.50 25.30
C SER A 489 16.39 13.57 24.70
N ARG A 490 15.21 13.16 24.28
CA ARG A 490 14.25 14.07 23.69
C ARG A 490 13.92 15.31 24.47
N ASP A 491 13.89 15.20 25.79
CA ASP A 491 13.56 16.36 26.62
C ASP A 491 14.62 17.43 26.67
N ARG A 492 15.90 17.06 26.76
CA ARG A 492 16.93 18.09 26.79
C ARG A 492 17.44 18.37 25.37
N LYS A 493 17.23 17.42 24.47
CA LYS A 493 17.62 17.57 23.07
C LYS A 493 19.11 17.81 22.87
N SER A 494 19.93 17.07 23.62
CA SER A 494 21.37 17.16 23.53
C SER A 494 21.99 15.90 24.10
N MET A 495 23.27 15.73 23.84
CA MET A 495 24.02 14.60 24.34
C MET A 495 25.42 15.12 24.61
N SER A 496 26.26 14.31 25.22
CA SER A 496 27.61 14.74 25.53
C SER A 496 28.47 13.57 25.93
N VAL A 497 29.76 13.77 25.83
CA VAL A 497 30.74 12.75 26.20
C VAL A 497 31.68 13.41 27.18
N TYR A 498 32.13 12.62 28.16
CA TYR A 498 33.04 13.11 29.17
C TYR A 498 34.45 12.64 28.79
N CYS A 499 35.37 13.58 28.65
CA CYS A 499 36.72 13.23 28.23
C CYS A 499 37.84 13.72 29.13
N SER A 500 38.88 12.89 29.21
CA SER A 500 40.06 13.19 30.00
C SER A 500 41.24 13.09 29.05
N PRO A 501 42.21 14.00 29.17
CA PRO A 501 43.38 13.96 28.28
C PRO A 501 44.09 12.61 28.38
N ALA A 502 44.77 12.22 27.30
CA ALA A 502 45.50 10.97 27.27
C ALA A 502 46.96 11.28 27.59
N LYS A 503 47.42 12.42 27.11
CA LYS A 503 48.79 12.87 27.33
C LYS A 503 49.05 13.04 28.83
N SER A 504 47.97 13.10 29.61
CA SER A 504 48.06 13.29 31.05
C SER A 504 47.48 12.08 31.79
N SER A 505 48.27 11.01 31.90
CA SER A 505 47.84 9.80 32.58
C SER A 505 47.30 10.10 33.98
N ARG A 506 48.18 10.58 34.86
CA ARG A 506 47.79 10.89 36.23
C ARG A 506 47.65 12.39 36.48
N ALA A 507 46.57 12.97 35.96
CA ALA A 507 46.31 14.40 36.11
C ALA A 507 45.03 14.62 36.91
N ALA A 508 45.07 15.56 37.85
CA ALA A 508 43.92 15.86 38.69
C ALA A 508 42.94 16.80 37.98
N VAL A 509 43.35 17.30 36.81
CA VAL A 509 42.51 18.21 36.03
C VAL A 509 42.65 17.90 34.53
N GLY A 510 42.05 18.73 33.69
CA GLY A 510 42.12 18.53 32.25
C GLY A 510 40.92 17.89 31.59
N ASN A 511 39.94 17.47 32.40
CA ASN A 511 38.74 16.83 31.86
C ASN A 511 37.75 17.81 31.24
N LYS A 512 37.12 17.37 30.15
CA LYS A 512 36.16 18.20 29.44
C LYS A 512 34.92 17.41 29.02
N MET A 513 33.77 18.05 29.06
CA MET A 513 32.56 17.40 28.53
C MET A 513 32.31 18.12 27.20
N PHE A 514 32.10 17.33 26.15
CA PHE A 514 31.81 17.87 24.83
C PHE A 514 30.31 17.66 24.56
N VAL A 515 29.61 18.76 24.30
CA VAL A 515 28.16 18.73 24.07
C VAL A 515 27.70 19.02 22.64
N LYS A 516 26.66 18.30 22.24
CA LYS A 516 26.07 18.42 20.92
C LYS A 516 24.53 18.31 21.04
N GLY A 517 23.79 19.14 20.32
CA GLY A 517 22.34 19.06 20.38
C GLY A 517 21.55 20.16 19.69
N ALA A 518 20.22 20.10 19.79
CA ALA A 518 19.35 21.11 19.20
C ALA A 518 19.79 22.44 19.74
N PRO A 519 19.92 23.44 18.87
CA PRO A 519 20.35 24.78 19.27
C PRO A 519 19.77 25.41 20.54
N GLU A 520 18.47 25.66 20.57
CA GLU A 520 17.86 26.35 21.71
C GLU A 520 18.29 25.89 23.09
N GLY A 521 18.06 24.62 23.38
CA GLY A 521 18.43 24.07 24.68
C GLY A 521 19.91 24.22 24.99
N VAL A 522 20.76 23.84 24.05
CA VAL A 522 22.20 23.93 24.26
C VAL A 522 22.67 25.37 24.51
N ILE A 523 22.19 26.32 23.71
CA ILE A 523 22.61 27.71 23.85
C ILE A 523 22.16 28.34 25.15
N ASP A 524 21.01 27.93 25.66
CA ASP A 524 20.54 28.48 26.90
C ASP A 524 21.38 28.03 28.08
N ARG A 525 21.97 26.84 27.98
CA ARG A 525 22.80 26.31 29.06
C ARG A 525 24.26 26.75 28.97
N CYS A 526 24.54 27.64 28.01
CA CYS A 526 25.88 28.18 27.80
C CYS A 526 26.05 29.48 28.57
N ASN A 527 27.13 29.56 29.33
CA ASN A 527 27.43 30.79 30.09
C ASN A 527 28.66 31.42 29.45
N TYR A 528 29.31 30.68 28.56
CA TYR A 528 30.52 31.18 27.92
C TYR A 528 30.52 30.94 26.41
N VAL A 529 31.23 31.83 25.72
CA VAL A 529 31.40 31.77 24.27
C VAL A 529 32.89 31.66 24.02
N ARG A 530 33.30 30.70 23.21
CA ARG A 530 34.71 30.55 22.90
C ARG A 530 35.04 31.45 21.70
N VAL A 531 36.10 32.23 21.81
CA VAL A 531 36.53 33.10 20.69
C VAL A 531 37.96 32.70 20.40
N GLY A 532 38.14 31.75 19.49
CA GLY A 532 39.46 31.27 19.19
C GLY A 532 39.77 30.32 20.34
N THR A 533 40.84 30.61 21.07
CA THR A 533 41.23 29.79 22.22
C THR A 533 40.82 30.48 23.50
N THR A 534 40.51 31.77 23.40
CA THR A 534 40.10 32.52 24.58
C THR A 534 38.66 32.19 24.90
N ARG A 535 38.14 32.80 25.95
CA ARG A 535 36.78 32.58 26.39
C ARG A 535 36.20 33.84 27.01
N VAL A 536 34.93 34.11 26.77
CA VAL A 536 34.31 35.30 27.33
C VAL A 536 32.88 34.96 27.72
N PRO A 537 32.25 35.76 28.59
CA PRO A 537 30.88 35.44 28.98
C PRO A 537 29.87 35.56 27.85
N MET A 538 28.82 34.74 27.91
CA MET A 538 27.75 34.78 26.92
C MET A 538 27.03 36.08 27.23
N THR A 539 26.77 36.87 26.20
CA THR A 539 26.08 38.14 26.39
C THR A 539 24.87 38.20 25.47
N GLY A 540 23.95 39.10 25.77
CA GLY A 540 22.76 39.23 24.95
C GLY A 540 23.05 39.46 23.48
N PRO A 541 23.88 40.46 23.15
CA PRO A 541 24.22 40.77 21.75
C PRO A 541 24.77 39.54 21.00
N VAL A 542 25.54 38.74 21.70
CA VAL A 542 26.15 37.55 21.11
C VAL A 542 25.19 36.40 20.92
N LYS A 543 24.21 36.28 21.81
CA LYS A 543 23.24 35.21 21.69
C LYS A 543 22.31 35.48 20.53
N GLU A 544 21.82 36.71 20.45
CA GLU A 544 20.92 37.09 19.37
C GLU A 544 21.59 36.83 18.04
N LYS A 545 22.87 37.19 17.94
CA LYS A 545 23.63 36.99 16.72
C LYS A 545 23.62 35.52 16.33
N ILE A 546 23.91 34.65 17.29
CA ILE A 546 23.91 33.21 17.07
C ILE A 546 22.52 32.71 16.64
N LEU A 547 21.50 33.05 17.42
CA LEU A 547 20.14 32.62 17.12
C LEU A 547 19.72 33.16 15.75
N SER A 548 20.10 34.41 15.48
CA SER A 548 19.80 35.05 14.22
C SER A 548 20.25 34.18 13.03
N VAL A 549 21.50 33.74 13.03
CA VAL A 549 21.99 32.93 11.94
C VAL A 549 21.41 31.52 11.89
N ILE A 550 21.08 30.95 13.04
CA ILE A 550 20.51 29.61 13.07
C ILE A 550 19.11 29.64 12.45
N LYS A 551 18.34 30.67 12.76
CA LYS A 551 16.99 30.81 12.21
C LYS A 551 17.03 30.86 10.67
N GLU A 552 17.95 31.65 10.14
CA GLU A 552 18.09 31.78 8.69
C GLU A 552 18.44 30.43 8.06
N TRP A 553 19.36 29.68 8.67
CA TRP A 553 19.76 28.38 8.13
C TRP A 553 18.68 27.29 8.25
N GLY A 554 17.94 27.29 9.36
CA GLY A 554 16.95 26.25 9.56
C GLY A 554 15.58 26.53 8.97
N THR A 555 15.22 27.81 8.90
CA THR A 555 13.93 28.23 8.37
C THR A 555 13.99 28.86 6.98
N GLY A 556 15.19 29.22 6.55
CA GLY A 556 15.37 29.82 5.24
C GLY A 556 15.48 28.80 4.14
N ARG A 557 15.80 29.26 2.94
CA ARG A 557 15.92 28.39 1.77
C ARG A 557 17.00 27.34 1.90
N ASP A 558 17.88 27.49 2.89
CA ASP A 558 18.93 26.48 3.08
C ASP A 558 18.32 25.19 3.65
N THR A 559 17.19 25.31 4.34
CA THR A 559 16.49 24.18 4.97
C THR A 559 17.43 23.22 5.68
N LEU A 560 18.31 23.76 6.50
CA LEU A 560 19.28 22.92 7.21
C LEU A 560 18.93 22.58 8.64
N ARG A 561 19.30 21.36 9.04
CA ARG A 561 19.13 20.93 10.43
C ARG A 561 20.38 21.47 11.15
N CYS A 562 20.16 22.34 12.13
CA CYS A 562 21.27 22.91 12.87
C CYS A 562 21.55 22.18 14.20
N LEU A 563 22.83 22.09 14.54
CA LEU A 563 23.29 21.47 15.78
C LEU A 563 24.26 22.45 16.45
N ALA A 564 24.00 22.78 17.72
CA ALA A 564 24.88 23.66 18.47
C ALA A 564 25.91 22.75 19.12
N LEU A 565 27.14 23.23 19.19
CA LEU A 565 28.22 22.45 19.79
C LEU A 565 28.82 23.28 20.91
N ALA A 566 28.94 22.66 22.07
CA ALA A 566 29.48 23.36 23.22
C ALA A 566 30.49 22.51 24.00
N THR A 567 31.12 23.13 24.98
CA THR A 567 32.10 22.45 25.82
C THR A 567 31.93 22.85 27.27
N ARG A 568 31.99 21.87 28.17
CA ARG A 568 31.91 22.20 29.59
C ARG A 568 33.38 22.30 30.02
N ASP A 569 33.87 23.53 30.16
CA ASP A 569 35.26 23.73 30.53
C ASP A 569 35.61 23.12 31.89
N THR A 570 34.74 23.31 32.87
CA THR A 570 34.96 22.75 34.21
C THR A 570 33.84 21.77 34.53
N PRO A 571 33.94 20.53 34.05
CA PRO A 571 32.92 19.51 34.30
C PRO A 571 33.01 18.94 35.70
N PRO A 572 31.87 18.51 36.26
CA PRO A 572 31.91 17.95 37.61
C PRO A 572 32.91 16.83 37.77
N LYS A 573 33.27 16.55 39.02
CA LYS A 573 34.19 15.46 39.29
C LYS A 573 33.49 14.17 38.89
N ARG A 574 34.24 13.27 38.29
CA ARG A 574 33.75 11.98 37.81
C ARG A 574 32.87 11.24 38.81
N GLU A 575 33.37 11.06 40.04
CA GLU A 575 32.64 10.34 41.08
C GLU A 575 31.31 10.99 41.47
N GLU A 576 31.21 12.30 41.28
CA GLU A 576 30.00 13.03 41.65
C GLU A 576 28.89 13.03 40.58
N MET A 577 28.96 12.08 39.65
CA MET A 577 27.95 12.00 38.60
C MET A 577 27.25 10.66 38.57
N VAL A 578 25.92 10.71 38.60
CA VAL A 578 25.09 9.51 38.58
C VAL A 578 24.77 9.13 37.12
N LEU A 579 25.67 8.36 36.52
CA LEU A 579 25.54 7.91 35.15
C LEU A 579 24.44 6.87 34.92
N ASP A 580 23.37 6.93 35.71
CA ASP A 580 22.29 5.96 35.56
C ASP A 580 20.93 6.64 35.66
N ASP A 581 20.96 7.95 35.88
CA ASP A 581 19.73 8.71 36.01
C ASP A 581 19.67 9.86 35.00
N SER A 582 19.32 9.49 33.76
CA SER A 582 19.21 10.45 32.67
C SER A 582 18.56 11.76 33.08
N SER A 583 17.74 11.72 34.12
CA SER A 583 17.03 12.90 34.60
C SER A 583 17.98 14.01 35.06
N ARG A 584 19.23 13.66 35.31
CA ARG A 584 20.20 14.65 35.77
C ARG A 584 21.26 15.02 34.72
N PHE A 585 21.12 14.48 33.52
CA PHE A 585 22.09 14.76 32.45
C PHE A 585 22.10 16.24 32.06
N MET A 586 20.92 16.85 31.93
CA MET A 586 20.84 18.26 31.59
C MET A 586 21.62 19.07 32.62
N GLU A 587 21.57 18.59 33.85
CA GLU A 587 22.26 19.23 34.97
C GLU A 587 23.79 19.21 34.75
N TYR A 588 24.30 18.09 34.27
CA TYR A 588 25.73 17.97 34.02
C TYR A 588 26.16 18.76 32.80
N GLU A 589 25.20 19.04 31.91
CA GLU A 589 25.48 19.80 30.69
C GLU A 589 25.06 21.25 30.87
N THR A 590 25.44 21.83 31.99
CA THR A 590 25.14 23.23 32.28
C THR A 590 26.45 24.00 32.40
N ASP A 591 26.36 25.32 32.47
CA ASP A 591 27.55 26.18 32.58
C ASP A 591 28.52 25.89 31.43
N LEU A 592 27.97 25.81 30.21
CA LEU A 592 28.75 25.51 29.01
C LEU A 592 29.39 26.69 28.31
N THR A 593 30.30 26.37 27.40
CA THR A 593 30.98 27.34 26.58
C THR A 593 30.61 27.04 25.13
N PHE A 594 29.98 28.02 24.47
CA PHE A 594 29.56 27.85 23.08
C PHE A 594 30.76 27.79 22.14
N VAL A 595 30.86 26.72 21.35
CA VAL A 595 31.94 26.59 20.39
C VAL A 595 31.46 26.94 18.97
N GLY A 596 30.39 26.29 18.51
CA GLY A 596 29.88 26.57 17.19
C GLY A 596 28.56 25.90 16.78
N VAL A 597 28.25 26.02 15.50
CA VAL A 597 27.03 25.46 14.91
C VAL A 597 27.34 24.87 13.56
N VAL A 598 26.78 23.69 13.28
CA VAL A 598 26.94 23.03 11.99
C VAL A 598 25.54 22.84 11.43
N GLY A 599 25.41 23.04 10.13
CA GLY A 599 24.12 22.90 9.46
C GLY A 599 24.25 21.88 8.36
N MET A 600 23.41 20.85 8.43
CA MET A 600 23.44 19.78 7.46
C MET A 600 22.15 19.65 6.70
N LEU A 601 22.29 19.06 5.52
CA LEU A 601 21.16 18.88 4.63
C LEU A 601 20.90 17.44 4.28
N ASP A 602 19.61 17.10 4.29
CA ASP A 602 19.12 15.77 3.89
C ASP A 602 18.38 16.23 2.63
N PRO A 603 19.06 16.22 1.47
CA PRO A 603 18.50 16.65 0.19
C PRO A 603 17.30 15.94 -0.41
N PRO A 604 16.38 16.72 -1.00
CA PRO A 604 15.19 16.17 -1.65
C PRO A 604 15.61 15.30 -2.82
N ARG A 605 14.81 14.28 -3.09
CA ARG A 605 15.04 13.38 -4.22
C ARG A 605 15.03 14.28 -5.44
N LYS A 606 15.81 13.95 -6.46
CA LYS A 606 15.85 14.79 -7.65
C LYS A 606 14.49 14.84 -8.34
N GLU A 607 13.77 13.71 -8.33
CA GLU A 607 12.46 13.64 -9.00
C GLU A 607 11.23 14.04 -8.19
N VAL A 608 11.38 14.35 -6.90
CA VAL A 608 10.20 14.69 -6.10
C VAL A 608 9.61 16.06 -6.41
N MET A 609 10.46 17.01 -6.77
CA MET A 609 10.00 18.36 -7.10
C MET A 609 8.95 18.25 -8.21
N GLY A 610 9.28 17.48 -9.25
CA GLY A 610 8.34 17.32 -10.36
C GLY A 610 7.11 16.52 -9.97
N SER A 611 7.31 15.43 -9.23
CA SER A 611 6.22 14.59 -8.79
C SER A 611 5.21 15.39 -7.94
N ILE A 612 5.69 16.35 -7.16
CA ILE A 612 4.80 17.15 -6.34
C ILE A 612 3.92 18.01 -7.25
N GLN A 613 4.46 18.37 -8.42
CA GLN A 613 3.69 19.17 -9.37
C GLN A 613 2.61 18.31 -10.03
N LEU A 614 2.98 17.11 -10.45
CA LEU A 614 2.02 16.20 -11.05
C LEU A 614 0.83 16.01 -10.12
N CYS A 615 1.10 15.90 -8.83
CA CYS A 615 0.04 15.70 -7.85
C CYS A 615 -0.89 16.92 -7.78
N ARG A 616 -0.31 18.11 -7.91
CA ARG A 616 -1.11 19.32 -7.87
C ARG A 616 -1.94 19.37 -9.15
N ASP A 617 -1.37 18.89 -10.25
CA ASP A 617 -2.07 18.90 -11.54
C ASP A 617 -3.12 17.81 -11.63
N ALA A 618 -2.97 16.76 -10.80
CA ALA A 618 -3.90 15.65 -10.80
C ALA A 618 -4.92 15.86 -9.69
N GLY A 619 -4.85 17.00 -9.01
CA GLY A 619 -5.77 17.29 -7.93
C GLY A 619 -5.57 16.43 -6.67
N ILE A 620 -4.35 15.93 -6.47
CA ILE A 620 -4.01 15.09 -5.31
C ILE A 620 -3.24 15.85 -4.22
N ARG A 621 -3.75 15.85 -3.00
CA ARG A 621 -3.09 16.52 -1.89
C ARG A 621 -1.90 15.67 -1.40
N VAL A 622 -0.83 16.33 -0.97
CA VAL A 622 0.35 15.64 -0.47
C VAL A 622 0.65 16.11 0.95
N ILE A 623 0.61 15.18 1.88
CA ILE A 623 0.90 15.55 3.26
C ILE A 623 2.27 14.99 3.64
N MET A 624 3.13 15.86 4.17
CA MET A 624 4.45 15.39 4.57
C MET A 624 4.48 15.17 6.08
N ILE A 625 4.95 13.98 6.47
CA ILE A 625 5.12 13.60 7.87
C ILE A 625 6.62 13.53 8.16
N THR A 626 7.09 14.31 9.13
CA THR A 626 8.52 14.33 9.43
C THR A 626 8.95 14.51 10.90
N GLY A 627 10.21 14.15 11.16
CA GLY A 627 10.80 14.28 12.49
C GLY A 627 11.45 15.64 12.75
N ASP A 628 11.57 16.44 11.68
CA ASP A 628 12.14 17.78 11.77
C ASP A 628 11.35 18.65 12.74
N ASN A 629 12.00 19.70 13.24
CA ASN A 629 11.31 20.65 14.10
C ASN A 629 10.33 21.33 13.12
N LYS A 630 9.30 22.00 13.63
CA LYS A 630 8.30 22.61 12.77
C LYS A 630 8.80 23.62 11.75
N GLY A 631 9.60 24.58 12.21
CA GLY A 631 10.14 25.58 11.32
C GLY A 631 10.93 25.01 10.14
N THR A 632 11.69 23.95 10.38
CA THR A 632 12.48 23.36 9.30
C THR A 632 11.59 22.47 8.46
N ALA A 633 10.51 21.96 9.06
CA ALA A 633 9.58 21.12 8.35
C ALA A 633 8.88 21.94 7.27
N ILE A 634 8.43 23.14 7.64
CA ILE A 634 7.76 24.04 6.73
C ILE A 634 8.72 24.48 5.63
N ALA A 635 9.91 24.94 6.01
CA ALA A 635 10.90 25.39 5.04
C ALA A 635 11.14 24.31 4.02
N ILE A 636 11.18 23.05 4.45
CA ILE A 636 11.38 21.96 3.52
C ILE A 636 10.15 21.78 2.62
N CYS A 637 8.97 21.97 3.17
CA CYS A 637 7.76 21.85 2.38
C CYS A 637 7.81 22.88 1.26
N ARG A 638 8.14 24.14 1.59
CA ARG A 638 8.25 25.20 0.60
C ARG A 638 9.27 24.83 -0.46
N ARG A 639 10.38 24.26 -0.04
CA ARG A 639 11.45 23.87 -0.95
C ARG A 639 11.05 22.86 -2.00
N ILE A 640 10.23 21.89 -1.62
CA ILE A 640 9.82 20.90 -2.60
C ILE A 640 8.48 21.22 -3.29
N GLY A 641 7.85 22.33 -2.92
CA GLY A 641 6.60 22.69 -3.56
C GLY A 641 5.30 22.43 -2.83
N ILE A 642 5.33 21.77 -1.68
CA ILE A 642 4.10 21.51 -0.93
C ILE A 642 3.47 22.83 -0.50
N PHE A 643 4.32 23.80 -0.16
CA PHE A 643 3.84 25.13 0.23
C PHE A 643 4.46 26.15 -0.73
N GLY A 644 3.77 27.27 -0.90
CA GLY A 644 4.29 28.31 -1.77
C GLY A 644 5.47 28.96 -1.08
N GLU A 645 6.36 29.55 -1.86
CA GLU A 645 7.54 30.20 -1.31
C GLU A 645 7.18 31.29 -0.31
N ASN A 646 5.96 31.79 -0.40
CA ASN A 646 5.54 32.87 0.51
C ASN A 646 4.11 32.74 1.03
N GLU A 647 3.47 31.59 0.83
CA GLU A 647 2.10 31.44 1.32
C GLU A 647 2.04 31.19 2.82
N GLU A 648 1.03 31.77 3.46
CA GLU A 648 0.82 31.61 4.89
C GLU A 648 0.37 30.17 5.11
N VAL A 649 0.99 29.49 6.06
CA VAL A 649 0.67 28.09 6.31
C VAL A 649 0.53 27.73 7.79
N ALA A 650 0.25 28.71 8.63
CA ALA A 650 0.10 28.53 10.08
C ALA A 650 -0.93 27.49 10.48
N ASP A 651 -2.00 27.39 9.70
CA ASP A 651 -3.07 26.43 9.98
C ASP A 651 -3.01 25.27 8.99
N ARG A 652 -1.82 25.00 8.47
CA ARG A 652 -1.64 23.93 7.52
C ARG A 652 -0.40 23.11 7.86
N ALA A 653 0.22 23.47 8.98
CA ALA A 653 1.40 22.78 9.47
C ALA A 653 1.23 22.61 10.98
N TYR A 654 1.32 21.36 11.46
CA TYR A 654 1.15 21.10 12.90
C TYR A 654 2.16 20.13 13.51
N THR A 655 2.52 20.36 14.77
CA THR A 655 3.41 19.42 15.46
C THR A 655 2.48 18.43 16.14
N GLY A 656 3.01 17.28 16.54
CA GLY A 656 2.17 16.31 17.23
C GLY A 656 1.56 16.96 18.47
N ARG A 657 2.35 17.75 19.19
CA ARG A 657 1.91 18.41 20.40
C ARG A 657 0.75 19.39 20.14
N GLU A 658 0.93 20.27 19.15
CA GLU A 658 -0.08 21.26 18.80
C GLU A 658 -1.41 20.61 18.46
N PHE A 659 -1.31 19.50 17.75
CA PHE A 659 -2.47 18.75 17.29
C PHE A 659 -3.24 18.08 18.42
N ASP A 660 -2.54 17.62 19.45
CA ASP A 660 -3.20 16.97 20.58
C ASP A 660 -3.91 18.03 21.42
N ASP A 661 -3.39 19.25 21.37
CA ASP A 661 -3.97 20.36 22.11
C ASP A 661 -5.30 20.78 21.51
N LEU A 662 -5.50 20.48 20.23
CA LEU A 662 -6.74 20.83 19.54
C LEU A 662 -7.86 19.87 19.90
N PRO A 663 -9.07 20.39 20.14
CA PRO A 663 -10.18 19.51 20.47
C PRO A 663 -10.53 18.67 19.23
N LEU A 664 -11.14 17.51 19.44
CA LEU A 664 -11.50 16.60 18.36
C LEU A 664 -12.13 17.25 17.13
N ALA A 665 -12.99 18.25 17.35
CA ALA A 665 -13.63 18.92 16.23
C ALA A 665 -12.61 19.64 15.37
N GLU A 666 -11.67 20.31 16.02
CA GLU A 666 -10.63 21.06 15.33
C GLU A 666 -9.56 20.18 14.69
N GLN A 667 -9.34 18.98 15.24
CA GLN A 667 -8.34 18.08 14.67
C GLN A 667 -8.80 17.61 13.31
N ARG A 668 -10.11 17.39 13.17
CA ARG A 668 -10.70 16.94 11.91
C ARG A 668 -10.49 17.99 10.83
N GLU A 669 -10.87 19.22 11.15
CA GLU A 669 -10.75 20.34 10.21
C GLU A 669 -9.28 20.53 9.88
N ALA A 670 -8.44 20.42 10.91
CA ALA A 670 -7.00 20.56 10.72
C ALA A 670 -6.47 19.63 9.63
N CYS A 671 -6.99 18.42 9.57
CA CYS A 671 -6.52 17.44 8.59
C CYS A 671 -7.03 17.68 7.18
N ARG A 672 -8.14 18.40 7.05
CA ARG A 672 -8.68 18.67 5.73
C ARG A 672 -7.80 19.66 4.97
N ARG A 673 -7.10 20.53 5.68
CA ARG A 673 -6.24 21.52 5.03
C ARG A 673 -4.72 21.40 5.22
N ALA A 674 -4.28 20.63 6.21
CA ALA A 674 -2.87 20.48 6.51
C ALA A 674 -2.05 19.69 5.48
N CYS A 675 -0.79 20.10 5.32
CA CYS A 675 0.10 19.44 4.38
C CYS A 675 1.43 19.13 5.03
N CYS A 676 1.54 19.48 6.31
CA CYS A 676 2.76 19.27 7.06
C CYS A 676 2.53 18.86 8.53
N PHE A 677 2.99 17.68 8.89
CA PHE A 677 2.87 17.17 10.27
C PHE A 677 4.30 16.88 10.76
N ALA A 678 4.73 17.64 11.76
CA ALA A 678 6.06 17.50 12.33
C ALA A 678 6.05 16.92 13.75
N ARG A 679 6.93 15.96 14.00
CA ARG A 679 7.02 15.33 15.29
C ARG A 679 5.69 14.81 15.83
N VAL A 680 5.25 13.70 15.26
CA VAL A 680 4.00 13.06 15.63
C VAL A 680 4.34 11.64 16.08
N GLU A 681 3.46 11.03 16.87
CA GLU A 681 3.72 9.66 17.33
C GLU A 681 3.03 8.70 16.36
N PRO A 682 3.29 7.39 16.48
CA PRO A 682 2.64 6.44 15.56
C PRO A 682 1.11 6.57 15.56
N SER A 683 0.53 6.83 16.74
CA SER A 683 -0.92 6.98 16.83
C SER A 683 -1.48 8.06 15.91
N HIS A 684 -0.72 9.13 15.70
CA HIS A 684 -1.18 10.21 14.85
C HIS A 684 -1.51 9.76 13.42
N LYS A 685 -0.66 8.92 12.83
CA LYS A 685 -0.92 8.42 11.48
C LYS A 685 -2.30 7.78 11.35
N SER A 686 -2.67 6.96 12.33
CA SER A 686 -3.98 6.29 12.33
C SER A 686 -5.10 7.31 12.38
N LYS A 687 -4.99 8.27 13.29
CA LYS A 687 -6.02 9.31 13.45
C LYS A 687 -6.11 10.19 12.20
N ILE A 688 -4.98 10.50 11.58
CA ILE A 688 -4.97 11.33 10.38
C ILE A 688 -5.84 10.60 9.33
N VAL A 689 -5.60 9.30 9.17
CA VAL A 689 -6.34 8.50 8.21
C VAL A 689 -7.84 8.53 8.48
N GLU A 690 -8.24 8.26 9.72
CA GLU A 690 -9.65 8.28 10.09
C GLU A 690 -10.29 9.62 9.76
N TYR A 691 -9.60 10.72 10.07
CA TYR A 691 -10.14 12.03 9.79
C TYR A 691 -10.26 12.29 8.29
N LEU A 692 -9.29 11.79 7.53
CA LEU A 692 -9.34 11.98 6.09
C LEU A 692 -10.45 11.11 5.53
N GLN A 693 -10.66 9.94 6.11
CA GLN A 693 -11.71 9.05 5.63
C GLN A 693 -13.08 9.64 5.95
N SER A 694 -13.14 10.54 6.94
CA SER A 694 -14.41 11.14 7.28
C SER A 694 -14.76 12.22 6.25
N TYR A 695 -13.87 12.46 5.29
CA TYR A 695 -14.12 13.44 4.24
C TYR A 695 -14.16 12.66 2.95
N ASP A 696 -14.23 11.35 3.09
CA ASP A 696 -14.29 10.44 1.97
C ASP A 696 -13.03 10.39 1.09
N GLU A 697 -11.93 10.94 1.59
CA GLU A 697 -10.67 10.93 0.86
C GLU A 697 -10.23 9.49 0.64
N ILE A 698 -9.52 9.24 -0.46
CA ILE A 698 -8.95 7.92 -0.72
C ILE A 698 -7.49 8.22 -0.35
N THR A 699 -7.07 7.74 0.82
CA THR A 699 -5.71 8.00 1.30
C THR A 699 -4.65 6.95 1.08
N ALA A 700 -3.47 7.42 0.69
CA ALA A 700 -2.29 6.56 0.51
C ALA A 700 -1.41 7.02 1.70
N MET A 701 -0.89 6.05 2.46
CA MET A 701 -0.07 6.32 3.62
C MET A 701 1.18 5.44 3.61
N THR A 702 2.35 6.03 3.82
CA THR A 702 3.59 5.27 3.82
C THR A 702 3.94 4.88 5.26
N GLY A 703 4.78 3.86 5.40
CA GLY A 703 5.22 3.39 6.70
C GLY A 703 6.30 2.33 6.48
N ASP A 704 6.98 1.92 7.54
CA ASP A 704 8.01 0.90 7.40
C ASP A 704 8.17 0.00 8.64
N GLY A 705 7.93 0.55 9.83
CA GLY A 705 8.07 -0.25 11.04
C GLY A 705 6.82 -1.01 11.45
N VAL A 706 6.97 -1.89 12.43
CA VAL A 706 5.84 -2.65 12.94
C VAL A 706 4.80 -1.69 13.50
N ASN A 707 5.25 -0.52 13.95
CA ASN A 707 4.35 0.48 14.50
C ASN A 707 3.52 1.22 13.44
N ASP A 708 3.85 1.01 12.16
CA ASP A 708 3.13 1.66 11.06
C ASP A 708 2.00 0.77 10.58
N ALA A 709 2.13 -0.52 10.88
CA ALA A 709 1.15 -1.52 10.46
C ALA A 709 -0.32 -1.10 10.65
N PRO A 710 -0.71 -0.66 11.86
CA PRO A 710 -2.13 -0.28 12.02
C PRO A 710 -2.56 0.72 10.95
N ALA A 711 -1.84 1.82 10.83
CA ALA A 711 -2.18 2.84 9.86
C ALA A 711 -2.11 2.33 8.43
N LEU A 712 -1.04 1.62 8.08
CA LEU A 712 -0.90 1.05 6.75
C LEU A 712 -2.12 0.21 6.40
N LYS A 713 -2.65 -0.49 7.40
CA LYS A 713 -3.83 -1.33 7.17
C LYS A 713 -5.07 -0.46 7.04
N LYS A 714 -5.15 0.58 7.83
CA LYS A 714 -6.29 1.49 7.80
C LYS A 714 -6.43 2.25 6.47
N ALA A 715 -5.32 2.81 5.98
CA ALA A 715 -5.34 3.55 4.72
C ALA A 715 -5.82 2.68 3.55
N GLU A 716 -6.55 3.29 2.62
CA GLU A 716 -7.05 2.55 1.44
C GLU A 716 -5.86 1.98 0.68
N ILE A 717 -4.75 2.72 0.68
CA ILE A 717 -3.56 2.23 0.03
C ILE A 717 -2.39 2.37 0.99
N GLY A 718 -2.07 1.31 1.70
CA GLY A 718 -0.95 1.36 2.61
C GLY A 718 0.27 1.18 1.75
N ILE A 719 1.28 2.01 1.94
CA ILE A 719 2.48 1.89 1.12
C ILE A 719 3.70 1.63 1.99
N ALA A 720 4.35 0.48 1.76
CA ALA A 720 5.52 0.11 2.55
C ALA A 720 6.85 0.35 1.82
N MET A 721 7.91 0.51 2.60
CA MET A 721 9.24 0.71 2.05
C MET A 721 9.86 -0.62 1.70
N GLY A 722 10.55 -0.70 0.56
CA GLY A 722 11.20 -1.94 0.20
C GLY A 722 12.27 -2.27 1.22
N SER A 723 12.88 -1.23 1.79
CA SER A 723 13.93 -1.41 2.78
C SER A 723 13.38 -1.51 4.19
N GLY A 724 12.05 -1.63 4.32
CA GLY A 724 11.45 -1.69 5.64
C GLY A 724 11.17 -3.10 6.12
N THR A 725 10.43 -3.22 7.23
CA THR A 725 10.11 -4.51 7.79
C THR A 725 9.13 -5.30 6.96
N ALA A 726 9.17 -6.62 7.13
CA ALA A 726 8.29 -7.52 6.41
C ALA A 726 6.87 -7.34 6.91
N VAL A 727 6.73 -6.96 8.18
CA VAL A 727 5.40 -6.75 8.74
C VAL A 727 4.72 -5.58 8.03
N ALA A 728 5.44 -4.48 7.87
CA ALA A 728 4.88 -3.32 7.19
C ALA A 728 4.49 -3.74 5.75
N LYS A 729 5.33 -4.53 5.09
CA LYS A 729 5.01 -4.97 3.75
C LYS A 729 3.69 -5.76 3.72
N THR A 730 3.60 -6.84 4.51
CA THR A 730 2.41 -7.68 4.54
C THR A 730 1.15 -6.92 4.92
N ALA A 731 1.30 -5.72 5.49
CA ALA A 731 0.14 -4.91 5.86
C ALA A 731 -0.11 -3.83 4.79
N SER A 732 0.67 -3.84 3.71
CA SER A 732 0.48 -2.81 2.70
C SER A 732 -0.10 -3.31 1.38
N GLU A 733 -0.73 -2.40 0.64
CA GLU A 733 -1.27 -2.74 -0.67
C GLU A 733 -0.13 -2.70 -1.69
N MET A 734 0.85 -1.83 -1.41
CA MET A 734 1.99 -1.64 -2.30
C MET A 734 3.31 -1.48 -1.55
N VAL A 735 4.40 -1.84 -2.22
CA VAL A 735 5.75 -1.74 -1.65
C VAL A 735 6.63 -0.95 -2.64
N LEU A 736 7.34 0.06 -2.18
CA LEU A 736 8.21 0.81 -3.08
C LEU A 736 9.61 0.19 -3.03
N ALA A 737 9.96 -0.55 -4.07
CA ALA A 737 11.27 -1.19 -4.13
C ALA A 737 12.41 -0.19 -3.97
N ASP A 738 12.20 1.06 -4.38
CA ASP A 738 13.24 2.09 -4.26
C ASP A 738 12.97 3.15 -3.16
N ASP A 739 11.90 2.95 -2.39
CA ASP A 739 11.52 3.90 -1.32
C ASP A 739 11.20 5.30 -1.82
N ASN A 740 11.25 5.51 -3.13
CA ASN A 740 11.02 6.83 -3.70
C ASN A 740 9.56 7.33 -3.75
N PHE A 741 9.33 8.55 -3.27
CA PHE A 741 7.99 9.12 -3.31
C PHE A 741 7.47 9.11 -4.74
N SER A 742 8.36 9.42 -5.68
CA SER A 742 7.99 9.47 -7.09
C SER A 742 7.36 8.19 -7.61
N THR A 743 7.84 7.05 -7.14
CA THR A 743 7.29 5.77 -7.55
C THR A 743 5.79 5.75 -7.22
N ILE A 744 5.39 6.49 -6.19
CA ILE A 744 3.99 6.57 -5.78
C ILE A 744 3.19 7.28 -6.88
N VAL A 745 3.59 8.50 -7.19
CA VAL A 745 2.91 9.28 -8.21
C VAL A 745 2.81 8.53 -9.52
N ALA A 746 3.91 7.88 -9.90
CA ALA A 746 3.96 7.09 -11.12
C ALA A 746 3.01 5.89 -11.05
N ALA A 747 2.82 5.34 -9.85
CA ALA A 747 1.93 4.20 -9.68
C ALA A 747 0.48 4.64 -9.77
N VAL A 748 0.20 5.85 -9.30
CA VAL A 748 -1.14 6.39 -9.34
C VAL A 748 -1.60 6.67 -10.77
N GLU A 749 -0.70 7.24 -11.59
CA GLU A 749 -1.03 7.53 -12.98
C GLU A 749 -1.34 6.20 -13.65
N GLU A 750 -0.44 5.25 -13.44
CA GLU A 750 -0.59 3.92 -13.97
C GLU A 750 -1.95 3.35 -13.53
N GLY A 751 -2.37 3.67 -12.32
CA GLY A 751 -3.64 3.19 -11.84
C GLY A 751 -4.77 3.85 -12.61
N ARG A 752 -4.58 5.12 -12.93
CA ARG A 752 -5.57 5.88 -13.69
C ARG A 752 -5.72 5.28 -15.10
N ALA A 753 -4.59 5.04 -15.75
CA ALA A 753 -4.57 4.49 -17.10
C ALA A 753 -5.13 3.07 -17.19
N ILE A 754 -4.98 2.29 -16.12
CA ILE A 754 -5.50 0.93 -16.13
C ILE A 754 -7.02 0.94 -15.96
N TYR A 755 -7.52 1.78 -15.06
CA TYR A 755 -8.97 1.83 -14.85
C TYR A 755 -9.75 2.24 -16.11
N ASN A 756 -9.30 3.28 -16.80
CA ASN A 756 -9.97 3.74 -18.00
C ASN A 756 -10.10 2.59 -19.00
N ASN A 757 -9.04 1.82 -19.18
CA ASN A 757 -9.11 0.70 -20.10
C ASN A 757 -10.04 -0.39 -19.56
N MET A 758 -9.98 -0.63 -18.26
CA MET A 758 -10.85 -1.64 -17.66
C MET A 758 -12.30 -1.25 -17.92
N LYS A 759 -12.59 0.05 -17.83
CA LYS A 759 -13.95 0.53 -18.04
C LYS A 759 -14.44 0.18 -19.43
N GLN A 760 -13.56 0.36 -20.41
CA GLN A 760 -13.92 0.06 -21.78
C GLN A 760 -14.26 -1.42 -21.99
N PHE A 761 -13.46 -2.32 -21.43
CA PHE A 761 -13.75 -3.73 -21.63
C PHE A 761 -14.81 -4.31 -20.68
N ILE A 762 -15.17 -3.55 -19.65
CA ILE A 762 -16.22 -4.00 -18.74
C ILE A 762 -17.55 -3.66 -19.41
N ARG A 763 -17.60 -2.48 -20.01
CA ARG A 763 -18.79 -2.01 -20.73
C ARG A 763 -18.97 -2.86 -21.99
N TYR A 764 -17.86 -3.29 -22.59
CA TYR A 764 -17.88 -4.11 -23.79
C TYR A 764 -18.47 -5.48 -23.52
N LEU A 765 -18.05 -6.11 -22.42
CA LEU A 765 -18.55 -7.44 -22.08
C LEU A 765 -19.97 -7.40 -21.56
N ILE A 766 -20.25 -6.46 -20.67
CA ILE A 766 -21.60 -6.36 -20.15
C ILE A 766 -22.59 -5.98 -21.25
N SER A 767 -22.15 -5.14 -22.17
CA SER A 767 -22.98 -4.73 -23.30
C SER A 767 -23.40 -5.97 -24.09
N SER A 768 -22.47 -6.86 -24.37
CA SER A 768 -22.78 -8.07 -25.12
C SER A 768 -23.80 -8.94 -24.40
N ASN A 769 -23.75 -8.94 -23.06
CA ASN A 769 -24.69 -9.74 -22.27
C ASN A 769 -26.10 -9.17 -22.44
N VAL A 770 -26.21 -7.85 -22.42
CA VAL A 770 -27.49 -7.20 -22.62
C VAL A 770 -28.09 -7.74 -23.93
N GLY A 771 -27.30 -7.68 -25.01
CA GLY A 771 -27.75 -8.14 -26.31
C GLY A 771 -28.17 -9.61 -26.31
N GLU A 772 -27.34 -10.44 -25.69
CA GLU A 772 -27.61 -11.87 -25.59
C GLU A 772 -28.97 -12.12 -24.94
N VAL A 773 -29.29 -11.37 -23.90
CA VAL A 773 -30.56 -11.54 -23.22
C VAL A 773 -31.74 -11.13 -24.11
N VAL A 774 -31.59 -10.02 -24.82
CA VAL A 774 -32.64 -9.57 -25.73
C VAL A 774 -32.97 -10.72 -26.69
N CYS A 775 -31.93 -11.33 -27.25
CA CYS A 775 -32.09 -12.45 -28.17
C CYS A 775 -32.87 -13.59 -27.54
N ILE A 776 -32.60 -13.89 -26.26
CA ILE A 776 -33.31 -14.97 -25.58
C ILE A 776 -34.73 -14.55 -25.22
N PHE A 777 -34.91 -13.30 -24.82
CA PHE A 777 -36.24 -12.82 -24.48
C PHE A 777 -37.10 -12.63 -25.73
N LEU A 778 -36.46 -12.29 -26.84
CA LEU A 778 -37.16 -12.10 -28.10
C LEU A 778 -37.64 -13.47 -28.56
N THR A 779 -36.75 -14.45 -28.49
CA THR A 779 -37.07 -15.81 -28.89
C THR A 779 -37.91 -16.52 -27.83
N ALA A 780 -38.65 -15.73 -27.06
CA ALA A 780 -39.50 -16.28 -26.01
C ALA A 780 -40.86 -15.61 -26.15
N ALA A 781 -40.86 -14.43 -26.75
CA ALA A 781 -42.08 -13.67 -26.98
C ALA A 781 -42.57 -13.95 -28.39
N LEU A 782 -41.66 -14.37 -29.26
CA LEU A 782 -42.01 -14.69 -30.63
C LEU A 782 -42.23 -16.20 -30.81
N GLY A 783 -42.19 -16.93 -29.70
CA GLY A 783 -42.38 -18.37 -29.75
C GLY A 783 -41.48 -19.07 -30.76
N LEU A 784 -40.32 -18.47 -31.05
CA LEU A 784 -39.40 -19.04 -32.01
C LEU A 784 -38.48 -20.10 -31.39
N PRO A 785 -37.90 -20.98 -32.23
CA PRO A 785 -37.01 -22.01 -31.70
C PRO A 785 -35.73 -21.33 -31.20
N GLU A 786 -35.07 -21.93 -30.22
CA GLU A 786 -33.84 -21.38 -29.65
C GLU A 786 -32.89 -20.93 -30.77
N ALA A 787 -32.44 -19.68 -30.71
CA ALA A 787 -31.50 -19.18 -31.70
C ALA A 787 -30.09 -19.40 -31.17
N LEU A 788 -29.96 -19.35 -29.85
CA LEU A 788 -28.67 -19.56 -29.17
C LEU A 788 -28.86 -20.39 -27.92
N ILE A 789 -27.96 -21.32 -27.69
CA ILE A 789 -28.02 -22.17 -26.50
C ILE A 789 -26.80 -21.93 -25.60
N PRO A 790 -26.95 -22.16 -24.29
CA PRO A 790 -25.88 -21.98 -23.31
C PRO A 790 -24.45 -22.32 -23.73
N VAL A 791 -24.24 -23.51 -24.28
CA VAL A 791 -22.89 -23.89 -24.67
C VAL A 791 -22.26 -22.95 -25.69
N GLN A 792 -23.08 -22.33 -26.53
CA GLN A 792 -22.59 -21.39 -27.54
C GLN A 792 -22.31 -20.02 -26.91
N LEU A 793 -23.23 -19.59 -26.04
CA LEU A 793 -23.11 -18.33 -25.34
C LEU A 793 -21.85 -18.36 -24.48
N LEU A 794 -21.71 -19.43 -23.70
CA LEU A 794 -20.56 -19.61 -22.83
C LEU A 794 -19.25 -19.50 -23.58
N TRP A 795 -19.19 -20.06 -24.79
CA TRP A 795 -17.97 -20.00 -25.58
C TRP A 795 -17.69 -18.54 -25.95
N VAL A 796 -18.74 -17.83 -26.35
CA VAL A 796 -18.60 -16.43 -26.73
C VAL A 796 -18.17 -15.56 -25.55
N ASN A 797 -18.73 -15.82 -24.37
CA ASN A 797 -18.42 -15.03 -23.18
C ASN A 797 -17.08 -15.33 -22.53
N LEU A 798 -16.54 -16.53 -22.76
CA LEU A 798 -15.26 -16.92 -22.18
C LEU A 798 -14.08 -16.82 -23.16
N VAL A 799 -14.35 -17.13 -24.42
CA VAL A 799 -13.31 -17.11 -25.43
C VAL A 799 -13.46 -16.01 -26.46
N THR A 800 -14.44 -16.16 -27.35
CA THR A 800 -14.65 -15.17 -28.42
C THR A 800 -14.52 -13.72 -27.96
N ASP A 801 -15.27 -13.32 -26.94
CA ASP A 801 -15.22 -11.95 -26.46
C ASP A 801 -14.07 -11.67 -25.51
N GLY A 802 -13.63 -12.72 -24.82
CA GLY A 802 -12.53 -12.57 -23.88
C GLY A 802 -11.25 -12.02 -24.47
N LEU A 803 -10.87 -12.47 -25.66
CA LEU A 803 -9.63 -11.99 -26.29
C LEU A 803 -9.73 -10.49 -26.58
N PRO A 804 -10.83 -10.06 -27.22
CA PRO A 804 -11.01 -8.64 -27.53
C PRO A 804 -11.06 -7.82 -26.23
N ALA A 805 -11.77 -8.34 -25.23
CA ALA A 805 -11.87 -7.65 -23.94
C ALA A 805 -10.47 -7.40 -23.36
N THR A 806 -9.63 -8.43 -23.40
CA THR A 806 -8.25 -8.33 -22.91
C THR A 806 -7.50 -7.27 -23.71
N ALA A 807 -7.61 -7.32 -25.03
CA ALA A 807 -6.92 -6.36 -25.89
C ALA A 807 -7.26 -4.92 -25.52
N LEU A 808 -8.53 -4.66 -25.20
CA LEU A 808 -8.94 -3.31 -24.84
C LEU A 808 -8.19 -2.83 -23.60
N GLY A 809 -7.66 -3.77 -22.83
CA GLY A 809 -6.91 -3.43 -21.65
C GLY A 809 -5.64 -2.71 -22.05
N PHE A 810 -5.18 -3.00 -23.27
CA PHE A 810 -3.96 -2.39 -23.79
C PHE A 810 -4.20 -1.09 -24.54
N ASN A 811 -5.42 -0.55 -24.47
CA ASN A 811 -5.74 0.69 -25.16
C ASN A 811 -4.78 1.79 -24.74
N PRO A 812 -4.33 2.61 -25.71
CA PRO A 812 -3.40 3.70 -25.37
C PRO A 812 -4.07 4.65 -24.37
N PRO A 813 -3.30 5.13 -23.38
CA PRO A 813 -3.88 6.04 -22.38
C PRO A 813 -4.08 7.46 -22.88
N ASP A 814 -5.05 8.15 -22.30
CA ASP A 814 -5.32 9.54 -22.69
C ASP A 814 -4.15 10.41 -22.23
N LEU A 815 -3.72 11.29 -23.12
CA LEU A 815 -2.59 12.18 -22.86
C LEU A 815 -2.76 13.10 -21.66
N ASP A 816 -4.00 13.41 -21.30
CA ASP A 816 -4.26 14.30 -20.18
C ASP A 816 -4.65 13.58 -18.88
N ILE A 817 -4.28 12.30 -18.78
CA ILE A 817 -4.58 11.49 -17.58
C ILE A 817 -4.29 12.20 -16.25
N MET A 818 -3.11 12.79 -16.12
CA MET A 818 -2.75 13.47 -14.87
C MET A 818 -3.11 14.94 -14.85
N ASP A 819 -4.09 15.33 -15.66
CA ASP A 819 -4.52 16.74 -15.73
C ASP A 819 -5.93 16.97 -15.26
N ARG A 820 -6.52 15.95 -14.66
CA ARG A 820 -7.87 16.05 -14.15
C ARG A 820 -7.90 15.54 -12.70
N PRO A 821 -8.89 15.99 -11.92
CA PRO A 821 -9.02 15.58 -10.52
C PRO A 821 -9.21 14.07 -10.34
N PRO A 822 -9.02 13.57 -9.11
CA PRO A 822 -9.19 12.13 -8.86
C PRO A 822 -10.61 11.69 -9.18
N ARG A 823 -10.76 10.52 -9.78
CA ARG A 823 -12.09 10.02 -10.10
C ARG A 823 -12.89 9.83 -8.82
N SER A 824 -14.20 10.05 -8.90
CA SER A 824 -15.06 9.87 -7.73
C SER A 824 -15.37 8.38 -7.60
N PRO A 825 -15.19 7.81 -6.39
CA PRO A 825 -15.47 6.38 -6.17
C PRO A 825 -16.88 5.99 -6.56
N LYS A 826 -17.83 6.90 -6.37
CA LYS A 826 -19.24 6.64 -6.67
C LYS A 826 -19.63 6.77 -8.16
N GLU A 827 -18.67 7.13 -8.99
CA GLU A 827 -18.92 7.28 -10.41
C GLU A 827 -19.34 5.94 -11.06
N PRO A 828 -20.56 5.88 -11.62
CA PRO A 828 -21.02 4.63 -12.25
C PRO A 828 -20.37 4.39 -13.60
N LEU A 829 -20.18 3.11 -13.93
CA LEU A 829 -19.56 2.73 -15.20
C LEU A 829 -20.47 2.97 -16.40
N ILE A 830 -21.79 2.94 -16.17
CA ILE A 830 -22.79 3.12 -17.21
C ILE A 830 -24.06 3.83 -16.73
N SER A 831 -24.40 4.94 -17.38
CA SER A 831 -25.59 5.70 -17.04
C SER A 831 -25.87 6.71 -18.14
N GLY A 832 -26.97 7.45 -17.99
CA GLY A 832 -27.31 8.45 -18.98
C GLY A 832 -27.26 7.95 -20.42
N TRP A 833 -26.74 8.79 -21.31
CA TRP A 833 -26.65 8.48 -22.74
C TRP A 833 -25.91 7.17 -23.09
N LEU A 834 -24.98 6.75 -22.25
CA LEU A 834 -24.25 5.51 -22.52
C LEU A 834 -25.19 4.34 -22.19
N PHE A 835 -26.05 4.57 -21.22
CA PHE A 835 -27.02 3.56 -20.81
C PHE A 835 -27.95 3.35 -22.01
N PHE A 836 -28.50 4.46 -22.52
CA PHE A 836 -29.38 4.43 -23.68
C PHE A 836 -28.66 3.78 -24.86
N ARG A 837 -27.39 4.13 -25.05
CA ARG A 837 -26.60 3.58 -26.15
C ARG A 837 -26.53 2.07 -26.11
N TYR A 838 -26.22 1.53 -24.93
CA TYR A 838 -26.09 0.08 -24.78
C TYR A 838 -27.41 -0.65 -24.86
N MET A 839 -28.50 0.05 -24.60
CA MET A 839 -29.84 -0.54 -24.74
C MET A 839 -30.12 -0.63 -26.25
N ALA A 840 -29.90 0.48 -26.95
CA ALA A 840 -30.12 0.55 -28.39
C ALA A 840 -29.31 -0.55 -29.04
N ILE A 841 -28.01 -0.61 -28.74
CA ILE A 841 -27.11 -1.63 -29.29
C ILE A 841 -27.61 -3.02 -28.91
N GLY A 842 -28.16 -3.14 -27.71
CA GLY A 842 -28.67 -4.42 -27.24
C GLY A 842 -29.91 -4.86 -28.01
N GLY A 843 -30.81 -3.91 -28.25
CA GLY A 843 -32.02 -4.25 -29.00
C GLY A 843 -31.55 -4.69 -30.37
N TYR A 844 -30.64 -3.91 -30.94
CA TYR A 844 -30.10 -4.21 -32.25
C TYR A 844 -29.53 -5.62 -32.27
N VAL A 845 -28.69 -5.93 -31.28
CA VAL A 845 -28.09 -7.25 -31.21
C VAL A 845 -29.11 -8.37 -31.02
N GLY A 846 -30.19 -8.08 -30.30
CA GLY A 846 -31.22 -9.07 -30.08
C GLY A 846 -31.99 -9.40 -31.35
N ALA A 847 -32.11 -8.40 -32.23
CA ALA A 847 -32.82 -8.61 -33.49
C ALA A 847 -31.90 -9.22 -34.54
N ALA A 848 -30.68 -8.73 -34.59
CA ALA A 848 -29.73 -9.25 -35.58
C ALA A 848 -29.53 -10.76 -35.42
N THR A 849 -29.64 -11.28 -34.20
CA THR A 849 -29.45 -12.71 -34.00
C THR A 849 -30.72 -13.51 -34.22
N VAL A 850 -31.85 -13.03 -33.72
CA VAL A 850 -33.10 -13.73 -33.91
C VAL A 850 -33.40 -13.76 -35.41
N GLY A 851 -33.18 -12.63 -36.08
CA GLY A 851 -33.41 -12.54 -37.50
C GLY A 851 -32.61 -13.51 -38.34
N ALA A 852 -31.30 -13.52 -38.16
CA ALA A 852 -30.43 -14.41 -38.93
C ALA A 852 -30.93 -15.85 -38.92
N ALA A 853 -31.42 -16.31 -37.77
CA ALA A 853 -31.94 -17.67 -37.64
C ALA A 853 -33.30 -17.81 -38.30
N ALA A 854 -34.17 -16.82 -38.06
CA ALA A 854 -35.51 -16.82 -38.65
C ALA A 854 -35.40 -16.60 -40.16
N TRP A 855 -34.26 -16.06 -40.57
CA TRP A 855 -34.00 -15.80 -41.99
C TRP A 855 -33.69 -17.11 -42.72
N TRP A 856 -33.09 -18.04 -41.99
CA TRP A 856 -32.73 -19.33 -42.58
C TRP A 856 -33.95 -20.23 -42.63
N PHE A 857 -34.79 -20.15 -41.60
CA PHE A 857 -35.98 -20.96 -41.55
C PHE A 857 -37.02 -20.52 -42.59
N MET A 858 -36.87 -19.29 -43.08
CA MET A 858 -37.79 -18.75 -44.07
C MET A 858 -37.06 -18.41 -45.39
N TYR A 859 -37.01 -17.12 -45.71
CA TYR A 859 -36.36 -16.65 -46.94
C TYR A 859 -34.91 -17.13 -47.02
N ALA A 860 -34.70 -18.33 -47.54
CA ALA A 860 -33.35 -18.86 -47.68
C ALA A 860 -33.22 -19.74 -48.91
N GLU A 861 -31.99 -19.88 -49.41
CA GLU A 861 -31.72 -20.67 -50.60
C GLU A 861 -31.33 -22.10 -50.25
N ASP A 862 -31.01 -22.34 -48.98
CA ASP A 862 -30.60 -23.66 -48.53
C ASP A 862 -31.49 -24.20 -47.43
N GLY A 863 -32.38 -23.36 -46.93
CA GLY A 863 -33.26 -23.78 -45.85
C GLY A 863 -34.73 -23.72 -46.20
N PRO A 864 -35.61 -24.19 -45.30
CA PRO A 864 -37.05 -24.19 -45.50
C PRO A 864 -37.56 -22.88 -46.07
N GLY A 865 -38.05 -22.91 -47.31
CA GLY A 865 -38.56 -21.72 -47.94
C GLY A 865 -39.93 -21.34 -47.41
N VAL A 866 -40.15 -21.55 -46.12
CA VAL A 866 -41.43 -21.21 -45.49
C VAL A 866 -41.46 -19.78 -44.98
N THR A 867 -41.46 -18.82 -45.90
CA THR A 867 -41.48 -17.39 -45.57
C THR A 867 -42.77 -16.97 -44.89
N TYR A 868 -42.66 -16.15 -43.85
CA TYR A 868 -43.82 -15.67 -43.11
C TYR A 868 -44.62 -16.84 -42.55
N HIS A 869 -44.03 -18.03 -42.56
CA HIS A 869 -44.70 -19.22 -42.06
C HIS A 869 -44.92 -19.06 -40.56
N GLN A 870 -44.11 -18.20 -39.94
CA GLN A 870 -44.23 -17.96 -38.52
C GLN A 870 -44.04 -19.24 -37.71
N LEU A 871 -42.83 -19.44 -37.21
CA LEU A 871 -42.51 -20.61 -36.41
C LEU A 871 -43.21 -20.42 -35.07
N THR A 872 -43.73 -19.20 -34.89
CA THR A 872 -44.45 -18.82 -33.69
C THR A 872 -45.64 -19.76 -33.53
N HIS A 873 -46.40 -19.90 -34.60
CA HIS A 873 -47.58 -20.76 -34.62
C HIS A 873 -47.36 -22.04 -33.84
N PHE A 874 -46.32 -22.80 -34.19
CA PHE A 874 -46.06 -24.04 -33.47
C PHE A 874 -44.66 -24.64 -33.63
N MET A 875 -44.44 -25.68 -32.84
CA MET A 875 -43.22 -26.45 -32.81
C MET A 875 -43.66 -27.79 -32.23
N GLN A 876 -44.97 -27.92 -32.10
CA GLN A 876 -45.61 -29.12 -31.57
C GLN A 876 -45.58 -30.20 -32.65
N CYS A 877 -46.01 -29.83 -33.86
CA CYS A 877 -46.05 -30.75 -34.98
C CYS A 877 -47.00 -31.90 -34.70
N THR A 878 -48.29 -31.61 -34.70
CA THR A 878 -49.32 -32.61 -34.46
C THR A 878 -50.55 -32.37 -35.32
N GLU A 879 -50.78 -31.11 -35.68
CA GLU A 879 -51.94 -30.77 -36.52
C GLU A 879 -51.59 -30.53 -37.99
N ASP A 880 -50.34 -30.20 -38.27
CA ASP A 880 -49.91 -29.95 -39.63
C ASP A 880 -50.83 -28.96 -40.33
N HIS A 881 -51.35 -28.00 -39.57
CA HIS A 881 -52.25 -26.99 -40.12
C HIS A 881 -51.65 -26.31 -41.34
N PRO A 882 -50.38 -25.88 -41.27
CA PRO A 882 -49.72 -25.22 -42.39
C PRO A 882 -49.38 -26.14 -43.56
N HIS A 883 -48.62 -27.20 -43.28
CA HIS A 883 -48.22 -28.14 -44.31
C HIS A 883 -49.36 -29.12 -44.62
N PHE A 884 -49.79 -29.15 -45.87
CA PHE A 884 -50.89 -30.02 -46.32
C PHE A 884 -50.45 -31.44 -46.68
N GLU A 885 -49.15 -31.66 -46.85
CA GLU A 885 -48.63 -32.97 -47.19
C GLU A 885 -47.11 -33.07 -47.05
N GLY A 886 -46.67 -33.93 -46.13
CA GLY A 886 -45.25 -34.11 -45.89
C GLY A 886 -44.97 -34.78 -44.56
N LEU A 887 -43.70 -35.12 -44.33
CA LEU A 887 -43.31 -35.78 -43.08
C LEU A 887 -41.92 -35.32 -42.62
N ASP A 888 -41.87 -34.16 -41.95
CA ASP A 888 -40.61 -33.61 -41.45
C ASP A 888 -40.83 -32.41 -40.53
N CYS A 889 -40.28 -32.50 -39.32
CA CYS A 889 -40.40 -31.43 -38.33
C CYS A 889 -39.16 -31.21 -37.48
N GLU A 890 -38.20 -32.14 -37.55
CA GLU A 890 -36.99 -32.00 -36.74
C GLU A 890 -36.00 -30.99 -37.30
N ILE A 891 -36.40 -30.25 -38.33
CA ILE A 891 -35.52 -29.25 -38.91
C ILE A 891 -35.42 -28.08 -37.93
N PHE A 892 -36.45 -27.96 -37.10
CA PHE A 892 -36.49 -26.89 -36.10
C PHE A 892 -35.32 -27.00 -35.14
N GLU A 893 -34.54 -28.06 -35.29
CA GLU A 893 -33.37 -28.28 -34.45
C GLU A 893 -32.10 -28.22 -35.31
N ALA A 894 -32.27 -27.85 -36.57
CA ALA A 894 -31.15 -27.75 -37.50
C ALA A 894 -30.10 -26.79 -36.97
N PRO A 895 -28.82 -27.16 -37.11
CA PRO A 895 -27.70 -26.34 -36.64
C PRO A 895 -27.38 -25.16 -37.57
N GLU A 896 -27.94 -25.17 -38.77
CA GLU A 896 -27.71 -24.10 -39.72
C GLU A 896 -28.23 -22.76 -39.22
N PRO A 897 -29.51 -22.71 -38.79
CA PRO A 897 -30.05 -21.44 -38.31
C PRO A 897 -29.26 -20.88 -37.13
N MET A 898 -28.90 -21.75 -36.19
CA MET A 898 -28.15 -21.31 -35.03
C MET A 898 -26.77 -20.79 -35.42
N THR A 899 -26.15 -21.42 -36.40
CA THR A 899 -24.82 -21.00 -36.84
C THR A 899 -24.87 -19.59 -37.43
N MET A 900 -26.04 -19.19 -37.90
CA MET A 900 -26.21 -17.85 -38.45
C MET A 900 -26.29 -16.88 -37.26
N ALA A 901 -27.09 -17.26 -36.26
CA ALA A 901 -27.28 -16.47 -35.06
C ALA A 901 -25.94 -16.22 -34.35
N LEU A 902 -25.18 -17.29 -34.16
CA LEU A 902 -23.87 -17.20 -33.50
C LEU A 902 -22.85 -16.38 -34.31
N SER A 903 -22.82 -16.55 -35.63
CA SER A 903 -21.88 -15.81 -36.47
C SER A 903 -22.21 -14.31 -36.47
N VAL A 904 -23.48 -14.00 -36.24
CA VAL A 904 -23.92 -12.61 -36.18
C VAL A 904 -23.40 -12.04 -34.85
N LEU A 905 -23.62 -12.78 -33.76
CA LEU A 905 -23.16 -12.34 -32.45
C LEU A 905 -21.65 -12.17 -32.49
N VAL A 906 -20.94 -13.21 -32.88
CA VAL A 906 -19.49 -13.12 -32.94
C VAL A 906 -19.05 -11.90 -33.75
N THR A 907 -19.53 -11.79 -34.99
CA THR A 907 -19.16 -10.68 -35.87
C THR A 907 -19.56 -9.34 -35.24
N ILE A 908 -20.81 -9.23 -34.78
CA ILE A 908 -21.24 -7.99 -34.18
C ILE A 908 -20.32 -7.64 -32.99
N GLU A 909 -19.97 -8.64 -32.18
CA GLU A 909 -19.10 -8.38 -31.05
C GLU A 909 -17.69 -7.97 -31.48
N MET A 910 -17.23 -8.46 -32.62
CA MET A 910 -15.91 -8.08 -33.11
C MET A 910 -15.99 -6.61 -33.51
N CYS A 911 -17.13 -6.22 -34.07
CA CYS A 911 -17.32 -4.84 -34.51
C CYS A 911 -17.50 -3.96 -33.29
N ASN A 912 -18.19 -4.50 -32.28
CA ASN A 912 -18.44 -3.75 -31.06
C ASN A 912 -17.19 -3.58 -30.21
N ALA A 913 -16.19 -4.42 -30.46
CA ALA A 913 -14.92 -4.30 -29.73
C ALA A 913 -14.28 -3.05 -30.29
N LEU A 914 -14.37 -2.88 -31.60
CA LEU A 914 -13.83 -1.70 -32.28
C LEU A 914 -14.53 -0.44 -31.83
N ASN A 915 -15.85 -0.53 -31.60
CA ASN A 915 -16.61 0.64 -31.15
C ASN A 915 -16.22 1.02 -29.73
N SER A 916 -15.52 0.11 -29.05
CA SER A 916 -15.11 0.31 -27.67
C SER A 916 -13.69 0.83 -27.46
N LEU A 917 -12.98 1.13 -28.55
CA LEU A 917 -11.63 1.66 -28.42
C LEU A 917 -11.75 2.99 -27.67
N SER A 918 -12.78 3.75 -28.02
CA SER A 918 -13.05 5.03 -27.39
C SER A 918 -14.52 5.13 -27.04
N GLU A 919 -14.84 5.86 -25.99
CA GLU A 919 -16.22 6.00 -25.57
C GLU A 919 -17.01 6.87 -26.53
N ASN A 920 -16.45 8.04 -26.87
CA ASN A 920 -17.12 8.99 -27.75
C ASN A 920 -16.36 9.40 -29.01
N GLN A 921 -15.24 8.76 -29.31
CA GLN A 921 -14.51 9.16 -30.51
C GLN A 921 -14.82 8.29 -31.72
N SER A 922 -15.09 8.94 -32.84
CA SER A 922 -15.40 8.25 -34.08
C SER A 922 -14.19 7.40 -34.52
N LEU A 923 -14.48 6.28 -35.18
CA LEU A 923 -13.40 5.43 -35.67
C LEU A 923 -12.61 6.19 -36.73
N MET A 924 -13.08 7.38 -37.06
CA MET A 924 -12.42 8.24 -38.03
C MET A 924 -11.30 9.00 -37.32
N ARG A 925 -11.62 9.52 -36.14
CA ARG A 925 -10.65 10.25 -35.32
C ARG A 925 -9.69 9.25 -34.68
N MET A 926 -10.25 8.21 -34.07
CA MET A 926 -9.44 7.20 -33.43
C MET A 926 -9.63 5.89 -34.18
N PRO A 927 -8.83 5.66 -35.22
CA PRO A 927 -8.89 4.46 -36.05
C PRO A 927 -8.63 3.18 -35.28
N PRO A 928 -9.01 2.03 -35.85
CA PRO A 928 -8.84 0.72 -35.22
C PRO A 928 -7.37 0.36 -34.97
N TRP A 929 -6.50 0.69 -35.92
CA TRP A 929 -5.09 0.36 -35.79
C TRP A 929 -4.40 1.06 -34.62
N VAL A 930 -5.14 1.88 -33.89
CA VAL A 930 -4.62 2.58 -32.72
C VAL A 930 -4.20 1.54 -31.69
N ASN A 931 -4.76 0.35 -31.82
CA ASN A 931 -4.48 -0.75 -30.91
C ASN A 931 -4.28 -2.05 -31.68
N ILE A 932 -3.03 -2.32 -32.05
CA ILE A 932 -2.71 -3.53 -32.81
C ILE A 932 -3.11 -4.81 -32.08
N TRP A 933 -3.09 -4.78 -30.75
CA TRP A 933 -3.46 -5.96 -29.98
C TRP A 933 -4.89 -6.33 -30.28
N LEU A 934 -5.76 -5.32 -30.34
CA LEU A 934 -7.17 -5.53 -30.61
C LEU A 934 -7.36 -6.17 -32.00
N LEU A 935 -6.74 -5.58 -33.02
CA LEU A 935 -6.86 -6.11 -34.37
C LEU A 935 -6.42 -7.57 -34.34
N GLY A 936 -5.23 -7.79 -33.80
CA GLY A 936 -4.69 -9.14 -33.72
C GLY A 936 -5.64 -10.07 -32.99
N SER A 937 -6.27 -9.59 -31.92
CA SER A 937 -7.19 -10.42 -31.15
C SER A 937 -8.42 -10.80 -31.96
N ILE A 938 -8.93 -9.86 -32.75
CA ILE A 938 -10.11 -10.12 -33.58
C ILE A 938 -9.82 -11.26 -34.57
N CYS A 939 -8.64 -11.26 -35.17
CA CYS A 939 -8.27 -12.32 -36.11
C CYS A 939 -8.25 -13.65 -35.37
N LEU A 940 -7.66 -13.65 -34.17
CA LEU A 940 -7.56 -14.86 -33.37
C LEU A 940 -8.94 -15.40 -33.03
N SER A 941 -9.86 -14.50 -32.68
CA SER A 941 -11.21 -14.91 -32.32
C SER A 941 -11.97 -15.51 -33.48
N MET A 942 -11.82 -14.91 -34.66
CA MET A 942 -12.52 -15.40 -35.84
C MET A 942 -12.00 -16.77 -36.26
N SER A 943 -10.68 -16.97 -36.18
CA SER A 943 -10.10 -18.25 -36.55
C SER A 943 -10.54 -19.33 -35.57
N LEU A 944 -10.86 -18.92 -34.35
CA LEU A 944 -11.33 -19.87 -33.33
C LEU A 944 -12.79 -20.19 -33.60
N HIS A 945 -13.47 -19.26 -34.25
CA HIS A 945 -14.88 -19.46 -34.59
C HIS A 945 -14.93 -20.53 -35.67
N PHE A 946 -14.00 -20.43 -36.63
CA PHE A 946 -13.93 -21.41 -37.71
C PHE A 946 -13.44 -22.76 -37.17
N LEU A 947 -12.87 -22.73 -35.98
CA LEU A 947 -12.35 -23.95 -35.36
C LEU A 947 -13.51 -24.83 -34.93
N ILE A 948 -14.50 -24.23 -34.26
CA ILE A 948 -15.66 -24.98 -33.78
C ILE A 948 -16.68 -25.26 -34.87
N LEU A 949 -16.43 -24.78 -36.07
CA LEU A 949 -17.35 -25.00 -37.19
C LEU A 949 -16.88 -26.17 -38.06
N TYR A 950 -15.56 -26.29 -38.21
CA TYR A 950 -14.98 -27.32 -39.05
C TYR A 950 -14.37 -28.52 -38.34
N VAL A 951 -13.56 -28.30 -37.31
CA VAL A 951 -12.93 -29.43 -36.60
C VAL A 951 -13.98 -30.34 -35.96
N ASP A 952 -14.56 -31.18 -36.81
CA ASP A 952 -15.61 -32.15 -36.49
C ASP A 952 -16.06 -32.37 -35.05
N PRO A 953 -15.15 -32.79 -34.17
CA PRO A 953 -15.60 -32.99 -32.79
C PRO A 953 -16.36 -31.80 -32.24
N LEU A 954 -15.91 -30.59 -32.60
CA LEU A 954 -16.50 -29.33 -32.15
C LEU A 954 -17.87 -28.93 -32.69
N PRO A 955 -18.03 -28.87 -34.03
CA PRO A 955 -19.31 -28.50 -34.63
C PRO A 955 -20.54 -29.26 -34.12
N MET A 956 -20.33 -30.50 -33.71
CA MET A 956 -21.41 -31.32 -33.20
C MET A 956 -21.70 -30.90 -31.75
N ILE A 957 -20.64 -30.83 -30.97
CA ILE A 957 -20.70 -30.44 -29.56
C ILE A 957 -21.42 -29.11 -29.37
N PHE A 958 -21.22 -28.19 -30.31
CA PHE A 958 -21.84 -26.88 -30.25
C PHE A 958 -23.13 -26.76 -31.04
N LYS A 959 -23.52 -27.84 -31.73
CA LYS A 959 -24.74 -27.82 -32.53
C LYS A 959 -24.59 -26.79 -33.66
N LEU A 960 -23.39 -26.74 -34.25
CA LEU A 960 -23.11 -25.80 -35.33
C LEU A 960 -22.95 -26.49 -36.69
N LYS A 961 -22.94 -25.70 -37.76
CA LYS A 961 -22.82 -26.23 -39.11
C LYS A 961 -22.19 -25.17 -40.03
N ALA A 962 -21.02 -25.48 -40.58
CA ALA A 962 -20.31 -24.57 -41.46
C ALA A 962 -21.27 -23.81 -42.38
N LEU A 963 -21.03 -22.51 -42.57
CA LEU A 963 -21.90 -21.69 -43.40
C LEU A 963 -21.44 -21.54 -44.85
N ASP A 964 -22.38 -21.12 -45.69
CA ASP A 964 -22.14 -20.91 -47.11
C ASP A 964 -21.77 -19.45 -47.33
N LEU A 965 -21.00 -19.19 -48.39
CA LEU A 965 -20.58 -17.82 -48.71
C LEU A 965 -21.76 -16.85 -48.74
N THR A 966 -22.93 -17.37 -49.10
CA THR A 966 -24.14 -16.55 -49.18
C THR A 966 -24.69 -16.34 -47.77
N GLN A 967 -24.58 -17.36 -46.94
CA GLN A 967 -25.06 -17.30 -45.57
C GLN A 967 -24.12 -16.41 -44.77
N TRP A 968 -22.85 -16.42 -45.15
CA TRP A 968 -21.83 -15.61 -44.48
C TRP A 968 -22.00 -14.15 -44.86
N LEU A 969 -22.24 -13.89 -46.14
CA LEU A 969 -22.43 -12.54 -46.61
C LEU A 969 -23.67 -11.89 -45.98
N MET A 970 -24.64 -12.71 -45.58
CA MET A 970 -25.84 -12.17 -44.93
C MET A 970 -25.49 -11.85 -43.49
N VAL A 971 -24.42 -12.49 -43.00
CA VAL A 971 -23.96 -12.24 -41.64
C VAL A 971 -23.37 -10.82 -41.65
N LEU A 972 -22.30 -10.65 -42.41
CA LEU A 972 -21.62 -9.36 -42.51
C LEU A 972 -22.58 -8.24 -42.87
N LYS A 973 -23.61 -8.58 -43.64
CA LYS A 973 -24.61 -7.62 -44.06
C LYS A 973 -25.34 -7.12 -42.82
N ILE A 974 -25.73 -8.05 -41.95
CA ILE A 974 -26.45 -7.73 -40.71
C ILE A 974 -25.55 -7.15 -39.62
N SER A 975 -24.36 -7.72 -39.47
CA SER A 975 -23.40 -7.30 -38.45
C SER A 975 -22.79 -5.91 -38.64
N LEU A 976 -21.93 -5.79 -39.64
CA LEU A 976 -21.25 -4.52 -39.96
C LEU A 976 -22.02 -3.23 -39.64
N PRO A 977 -23.33 -3.18 -39.93
CA PRO A 977 -24.06 -1.96 -39.63
C PRO A 977 -24.02 -1.44 -38.19
N VAL A 978 -23.83 -2.35 -37.24
CA VAL A 978 -23.77 -1.93 -35.83
C VAL A 978 -22.73 -0.84 -35.63
N ILE A 979 -21.68 -0.88 -36.44
CA ILE A 979 -20.62 0.13 -36.36
C ILE A 979 -21.20 1.50 -36.68
N GLY A 980 -22.15 1.51 -37.62
CA GLY A 980 -22.78 2.76 -38.01
C GLY A 980 -23.74 3.24 -36.95
N LEU A 981 -24.39 2.31 -36.28
CA LEU A 981 -25.33 2.63 -35.22
C LEU A 981 -24.66 3.40 -34.09
N ASP A 982 -23.51 2.90 -33.64
CA ASP A 982 -22.79 3.53 -32.55
C ASP A 982 -22.20 4.86 -32.99
N GLU A 983 -21.70 4.90 -34.22
CA GLU A 983 -21.12 6.10 -34.75
C GLU A 983 -22.14 7.24 -34.66
N ILE A 984 -23.39 6.93 -34.99
CA ILE A 984 -24.44 7.93 -34.92
C ILE A 984 -24.68 8.32 -33.47
N LEU A 985 -24.76 7.31 -32.60
CA LEU A 985 -24.98 7.56 -31.18
C LEU A 985 -23.82 8.34 -30.55
N LYS A 986 -22.60 8.08 -31.04
CA LYS A 986 -21.43 8.79 -30.54
C LYS A 986 -21.50 10.24 -30.98
N PHE A 987 -21.89 10.42 -32.23
CA PHE A 987 -22.03 11.75 -32.83
C PHE A 987 -22.99 12.61 -32.01
N ILE A 988 -24.07 11.99 -31.55
CA ILE A 988 -25.07 12.74 -30.78
C ILE A 988 -24.49 13.14 -29.44
N ALA A 989 -23.68 12.26 -28.86
CA ALA A 989 -23.07 12.54 -27.56
C ALA A 989 -22.01 13.62 -27.68
N ARG A 990 -21.37 13.71 -28.85
CA ARG A 990 -20.32 14.71 -29.08
C ARG A 990 -20.81 16.11 -29.39
N ASN A 991 -21.95 16.24 -30.05
CA ASN A 991 -22.46 17.55 -30.43
C ASN A 991 -23.68 18.07 -29.69
N TYR A 992 -24.72 17.26 -29.59
CA TYR A 992 -25.96 17.69 -28.95
C TYR A 992 -26.10 17.32 -27.49
N LEU A 993 -24.97 17.27 -26.79
CA LEU A 993 -24.96 16.95 -25.37
C LEU A 993 -23.76 17.67 -24.76
N GLU A 994 -23.91 18.96 -24.50
CA GLU A 994 -22.86 19.78 -23.92
C GLU A 994 -23.26 20.42 -22.60
N GLY A 995 -22.25 20.89 -21.87
CA GLY A 995 -22.49 21.53 -20.59
C GLY A 995 -21.18 21.97 -19.98
NA NA B . -4.63 -0.55 3.89
MG MG C . 11.85 7.35 8.93
C34 TG1 D . -25.37 0.52 -12.34
C11 TG1 D . -25.67 -0.95 -12.78
C7 TG1 D . -26.31 -1.07 -14.21
C8 TG1 D . -25.34 -0.72 -15.44
C9 TG1 D . -25.98 -0.66 -16.86
C10 TG1 D . -26.76 -1.93 -17.43
C1 TG1 D . -27.99 -2.45 -16.52
C2 TG1 D . -28.98 -3.43 -17.27
O1 TG1 D . -30.22 -2.72 -17.60
C13 TG1 D . -30.69 -2.79 -18.91
O2 TG1 D . -30.10 -3.31 -19.86
C14 TG1 D . -32.07 -2.13 -19.02
C15 TG1 D . -33.29 -3.01 -19.22
C16 TG1 D . -33.37 -3.83 -20.55
C17 TG1 D . -34.37 -5.01 -20.46
C18 TG1 D . -33.93 -6.23 -21.30
C19 TG1 D . -35.06 -7.25 -21.51
C20 TG1 D . -34.64 -8.47 -22.33
C3 TG1 D . -29.20 -4.68 -16.32
O3 TG1 D . -28.73 -5.82 -17.00
C21 TG1 D . -29.62 -6.50 -17.72
O4 TG1 D . -30.91 -6.19 -17.85
C22 TG1 D . -28.92 -7.59 -18.69
C23 TG1 D . -29.88 -8.13 -19.68
C24 TG1 D . -27.67 -8.07 -18.79
C25 TG1 D . -26.39 -7.71 -18.02
C4 TG1 D . -28.33 -4.38 -15.08
C26 TG1 D . -28.20 -5.44 -13.98
C5 TG1 D . -27.73 -3.17 -15.15
C6 TG1 D . -26.81 -2.54 -14.11
O5 TG1 D . -27.36 -2.56 -12.77
C12 TG1 D . -26.66 -1.73 -11.95
O12 TG1 D . -26.82 -1.62 -10.75
C31 TG1 D . -25.84 -3.16 -17.79
O9 TG1 D . -27.35 -1.56 -18.78
C32 TG1 D . -26.82 -1.01 -19.90
O10 TG1 D . -25.65 -0.71 -20.06
C33 TG1 D . -27.89 -0.80 -20.92
O7 TG1 D . -24.14 -1.61 -15.41
C27 TG1 D . -22.93 -1.04 -15.06
O8 TG1 D . -22.75 0.16 -14.83
C28 TG1 D . -21.90 -2.11 -14.88
C29 TG1 D . -21.23 -2.00 -13.49
C30 TG1 D . -20.66 -3.36 -13.10
O6 TG1 D . -27.48 -0.22 -14.25
O11 TG1 D . -24.53 -1.75 -12.47
P1 12D E . 12.64 11.17 10.84
O1 12D E . 12.32 9.75 10.79
O2 12D E . 14.02 11.44 10.10
O3 12D E . 11.57 11.93 10.18
P2 12D E . 13.63 11.23 13.53
O4 12D E . 14.61 10.20 13.15
O5 12D E . 12.77 10.72 14.62
O6 12D E . 12.75 11.62 12.30
O7 12D E . 14.38 12.49 14.01
C1 12D E . 15.21 13.43 13.33
C2 12D E . 15.94 14.14 14.46
O8 12D E . 15.05 15.00 15.19
C3 12D E . 16.55 13.34 15.51
O9 12D E . 17.94 13.77 15.58
C4 12D E . 15.97 13.77 16.87
O10 12D E . 16.97 14.01 17.89
C5 12D E . 14.95 14.92 16.59
N1 12D E . 13.49 14.54 17.06
C6 12D E . 12.57 13.76 16.40
N2 12D E . 11.44 13.68 17.11
C7 12D E . 11.65 14.40 18.20
C8 12D E . 10.79 14.66 19.35
N3 12D E . 9.55 14.15 19.37
N4 12D E . 11.26 15.47 20.43
C9 12D E . 12.56 15.99 20.35
N5 12D E . 13.35 15.74 19.27
C10 12D E . 12.95 14.94 18.18
C11 12D E . 18.19 13.99 17.05
C12 12D E . 18.91 15.33 16.94
C13 12D E . 20.30 15.42 17.48
C14 12D E . 20.99 14.36 18.09
C15 12D E . 20.31 13.15 18.19
C16 12D E . 19.03 12.89 17.74
N6 12D E . 18.40 16.51 16.37
N7 12D E . 22.20 14.58 18.53
N8 12D E . 18.54 11.53 17.97
O11 12D E . 17.35 16.68 15.88
O12 12D E . 19.01 17.57 16.31
O13 12D E . 23.13 13.99 18.07
O14 12D E . 22.46 15.37 19.39
O15 12D E . 17.48 11.05 17.68
O16 12D E . 19.20 10.65 18.52
C1 PTY F . -11.47 -17.86 -12.70
C2 PTY F . -13.95 -11.35 -8.21
C3 PTY F . -12.54 -12.06 -8.27
O4 PTY F . -12.16 -17.92 -14.02
C5 PTY F . -11.12 -15.39 -11.96
C6 PTY F . -10.41 -16.67 -12.51
O7 PTY F . -9.68 -16.38 -13.77
C8 PTY F . -8.32 -16.45 -13.80
O10 PTY F . -7.62 -15.55 -13.35
C11 PTY F . -7.70 -17.70 -14.36
C30 PTY F . -12.78 -19.09 -14.33
C31 PTY F . -12.03 -20.02 -15.28
O30 PTY F . -13.87 -19.40 -13.97
P1 PTY F . -11.21 -14.23 -9.41
O11 PTY F . -12.43 -13.21 -9.21
O12 PTY F . -9.91 -13.36 -9.75
O13 PTY F . -11.19 -15.00 -8.00
O14 PTY F . -11.41 -15.35 -10.56
N1 PTY F . -14.00 -9.98 -7.64
C1 PTY G . -18.60 10.27 -37.81
C2 PTY G . -18.50 18.25 -35.76
C3 PTY G . -18.36 17.05 -34.77
O4 PTY G . -19.76 10.40 -38.71
C5 PTY G . -17.95 12.55 -36.73
C6 PTY G . -17.57 11.48 -37.82
O7 PTY G . -17.42 12.08 -39.15
C8 PTY G . -16.19 12.07 -39.76
O10 PTY G . -15.18 12.53 -39.24
C11 PTY G . -16.16 11.41 -41.11
C30 PTY G . -20.81 9.57 -38.49
C31 PTY G . -20.85 8.29 -39.30
O30 PTY G . -21.70 9.83 -37.74
P1 PTY G . -17.11 14.89 -35.48
O11 PTY G . -18.39 15.82 -35.53
O12 PTY G . -15.69 15.65 -35.68
O13 PTY G . -17.02 14.35 -33.98
O14 PTY G . -17.13 13.73 -36.59
N1 PTY G . -19.87 18.53 -36.25
C1 PTY H . -49.72 -10.25 -23.14
C2 PTY H . -47.29 -15.72 -27.56
C3 PTY H . -48.09 -14.51 -28.18
O4 PTY H . -50.03 -10.55 -21.74
C5 PTY H . -51.05 -11.43 -24.97
C6 PTY H . -50.98 -10.15 -24.06
O7 PTY H . -51.01 -8.86 -24.81
C8 PTY H . -51.94 -7.92 -24.42
O10 PTY H . -53.14 -8.12 -24.47
C11 PTY H . -51.42 -6.62 -23.86
C30 PTY H . -49.92 -9.51 -20.87
C31 PTY H . -48.58 -9.34 -20.17
O30 PTY H . -50.82 -8.76 -20.61
P1 PTY H . -49.86 -12.63 -27.17
O11 PTY H . -48.54 -13.55 -27.13
O12 PTY H . -50.06 -11.68 -28.45
O13 PTY H . -51.04 -13.69 -27.22
O14 PTY H . -49.97 -11.67 -25.88
N1 PTY H . -46.07 -16.10 -28.30
#